data_3DOI
#
_entry.id   3DOI
#
_cell.length_a   130.542
_cell.length_b   130.542
_cell.length_c   304.553
_cell.angle_alpha   90.00
_cell.angle_beta   90.00
_cell.angle_gamma   120.00
#
_symmetry.space_group_name_H-M   'H 3 2'
#
loop_
_entity.id
_entity.type
_entity.pdbx_description
1 polymer esterase
2 non-polymer 'DIETHYL PHOSPHONATE'
#
_entity_poly.entity_id   1
_entity_poly.type   'polypeptide(L)'
_entity_poly.pdbx_seq_one_letter_code
;QEDVTVKSVTLITKVFPEGEKVCAVVIEYPVEIDGQKLSPDQFSVKVKTGDTYSSRTITKVYANNSGGLSFSIFNNRGKY
VVLELSTEDLHSNTIVFGPNFLNTRMKLDYIVSQLVPIFDVDGNEVEPFTSKQTDEKHLIIDDFLAFTFKDPETGVEIPY
RLFVPKDVNPDRKYPLVVFLHGAGERGTDNYLQVAGNRGAVVWAQPRYQVVHPCFVLAPQCPPNSSWSTLFTDRENPFNP
EKPLLAVIKIIRKLLDEYNIDENRIYITGLSMGGYGTWTAIMEFPELFAAAIPICGGGDVSKVERIKDIPIWVFHAEDDP
VVPVENSRVLVKKLAEIGGKVRYTEYEKGFMEKHGWDPHGSWIPTYENQEAIEWLFEQSR
;
_entity_poly.pdbx_strand_id   A,B
#
loop_
_chem_comp.id
_chem_comp.type
_chem_comp.name
_chem_comp.formula
DEP non-polymer 'DIETHYL PHOSPHONATE' 'C4 H11 O3 P'
#
# COMPACT_ATOMS: atom_id res chain seq x y z
N VAL A 6 9.69 -10.44 21.08
CA VAL A 6 8.72 -9.34 21.01
C VAL A 6 7.60 -9.54 22.03
N LYS A 7 7.54 -8.65 23.01
CA LYS A 7 6.65 -8.84 24.18
C LYS A 7 5.15 -8.87 23.85
N SER A 8 4.66 -7.89 23.08
CA SER A 8 3.21 -7.71 22.93
C SER A 8 2.81 -6.87 21.72
N VAL A 9 1.59 -7.10 21.23
CA VAL A 9 0.99 -6.17 20.28
C VAL A 9 -0.42 -5.74 20.76
N THR A 10 -0.52 -4.43 20.99
CA THR A 10 -1.67 -3.84 21.64
C THR A 10 -2.40 -2.95 20.65
N LEU A 11 -3.67 -3.29 20.41
CA LEU A 11 -4.59 -2.43 19.69
C LEU A 11 -5.00 -1.31 20.60
N ILE A 12 -5.07 -0.08 20.10
CA ILE A 12 -5.52 1.06 20.89
C ILE A 12 -6.79 1.66 20.28
N THR A 13 -7.82 1.82 21.09
CA THR A 13 -9.05 2.47 20.58
C THR A 13 -9.31 3.79 21.26
N LYS A 14 -9.94 4.69 20.54
CA LYS A 14 -10.23 6.01 21.04
C LYS A 14 -11.61 6.26 20.55
N VAL A 15 -12.39 7.07 21.26
CA VAL A 15 -13.76 7.33 20.84
C VAL A 15 -13.77 8.64 20.09
N PHE A 16 -14.09 8.52 18.81
CA PHE A 16 -14.19 9.67 17.91
C PHE A 16 -15.67 10.07 17.79
N PRO A 17 -15.92 11.35 17.44
CA PRO A 17 -17.30 11.84 17.25
C PRO A 17 -18.28 10.77 16.74
N GLU A 18 -17.85 10.01 15.74
CA GLU A 18 -18.71 9.01 15.06
C GLU A 18 -18.60 7.60 15.68
N GLY A 19 -17.86 7.45 16.78
CA GLY A 19 -17.75 6.16 17.45
C GLY A 19 -16.33 5.74 17.76
N GLU A 20 -16.18 4.58 18.37
CA GLU A 20 -14.84 4.09 18.71
C GLU A 20 -14.20 3.49 17.45
N LYS A 21 -12.92 3.74 17.28
CA LYS A 21 -12.18 3.28 16.13
C LYS A 21 -10.89 2.73 16.68
N VAL A 22 -10.26 1.78 15.98
CA VAL A 22 -8.93 1.39 16.36
C VAL A 22 -8.07 2.46 15.76
N CYS A 23 -7.22 3.06 16.58
CA CYS A 23 -6.57 4.28 16.15
C CYS A 23 -5.06 4.13 16.09
N ALA A 24 -4.52 3.18 16.85
CA ALA A 24 -3.10 2.85 16.75
C ALA A 24 -2.79 1.43 17.21
N VAL A 25 -1.56 0.98 16.93
CA VAL A 25 -1.09 -0.34 17.41
C VAL A 25 0.27 -0.14 18.06
N VAL A 26 0.41 -0.67 19.27
CA VAL A 26 1.66 -0.47 20.01
C VAL A 26 2.32 -1.81 20.16
N ILE A 27 3.58 -1.90 19.71
CA ILE A 27 4.35 -3.12 19.83
C ILE A 27 5.41 -2.96 20.90
N GLU A 28 5.46 -3.92 21.83
CA GLU A 28 6.50 -3.97 22.86
C GLU A 28 7.64 -4.92 22.49
N TYR A 29 8.77 -4.30 22.18
CA TYR A 29 10.04 -4.98 21.88
C TYR A 29 10.86 -5.27 23.13
N PRO A 30 11.51 -6.46 23.19
CA PRO A 30 12.38 -6.81 24.32
C PRO A 30 13.43 -5.73 24.61
N VAL A 31 14.01 -5.11 23.58
CA VAL A 31 14.89 -3.95 23.79
C VAL A 31 14.22 -2.64 23.37
N GLU A 32 14.92 -1.52 23.60
CA GLU A 32 14.50 -0.22 23.09
C GLU A 32 14.75 -0.13 21.60
N ILE A 33 14.22 0.90 20.96
CA ILE A 33 14.35 1.09 19.54
C ILE A 33 14.25 2.58 19.31
N ASP A 34 15.06 3.13 18.41
CA ASP A 34 14.88 4.53 17.99
C ASP A 34 13.98 4.63 16.78
N GLY A 35 12.91 5.43 16.93
CA GLY A 35 12.01 5.78 15.82
C GLY A 35 12.57 6.92 14.99
N GLN A 36 13.61 7.57 15.52
CA GLN A 36 14.42 8.52 14.77
C GLN A 36 14.62 7.99 13.34
N LYS A 37 14.66 6.66 13.22
CA LYS A 37 14.93 5.91 11.99
C LYS A 37 13.74 5.07 11.49
N LEU A 38 12.65 5.00 12.25
CA LEU A 38 11.49 4.19 11.82
C LEU A 38 10.68 4.88 10.72
N SER A 39 9.59 4.26 10.29
CA SER A 39 8.87 4.68 9.08
C SER A 39 7.72 3.73 8.77
N PRO A 40 6.57 4.29 8.36
CA PRO A 40 5.33 3.52 8.12
C PRO A 40 5.48 2.34 7.19
N ASP A 41 6.22 2.49 6.10
CA ASP A 41 6.37 1.43 5.11
C ASP A 41 7.18 0.21 5.58
N GLN A 42 7.52 0.15 6.86
CA GLN A 42 8.31 -0.97 7.39
C GLN A 42 7.38 -2.01 8.04
N PHE A 43 6.08 -1.71 7.95
CA PHE A 43 5.11 -2.27 8.85
C PHE A 43 3.80 -2.47 8.14
N SER A 44 3.01 -3.41 8.62
CA SER A 44 1.74 -3.64 8.01
C SER A 44 0.68 -3.91 9.04
N VAL A 45 -0.47 -3.28 8.90
CA VAL A 45 -1.57 -3.53 9.84
C VAL A 45 -2.88 -3.92 9.16
N LYS A 46 -3.44 -5.08 9.49
CA LYS A 46 -4.67 -5.49 8.80
C LYS A 46 -5.76 -5.88 9.74
N VAL A 47 -7.01 -5.62 9.33
CA VAL A 47 -8.23 -5.92 10.11
C VAL A 47 -8.97 -7.06 9.44
N LYS A 48 -9.54 -7.99 10.20
CA LYS A 48 -10.42 -8.94 9.52
C LYS A 48 -11.81 -8.35 9.45
N THR A 49 -12.38 -8.44 8.25
CA THR A 49 -13.80 -8.16 8.01
C THR A 49 -14.21 -8.93 6.76
N GLY A 50 -15.14 -9.87 6.91
CA GLY A 50 -15.33 -10.65 8.13
C GLY A 50 -14.47 -11.90 7.93
N ASP A 51 -14.35 -12.36 6.68
CA ASP A 51 -13.45 -13.46 6.33
C ASP A 51 -12.25 -13.07 5.42
N THR A 52 -12.02 -11.77 5.25
CA THR A 52 -10.82 -11.30 4.58
C THR A 52 -10.23 -10.17 5.39
N TYR A 53 -8.97 -9.87 5.10
CA TYR A 53 -8.29 -8.75 5.69
C TYR A 53 -8.26 -7.56 4.77
N SER A 54 -8.34 -6.38 5.35
CA SER A 54 -8.11 -5.18 4.58
C SER A 54 -7.05 -4.33 5.30
N SER A 55 -6.35 -3.52 4.51
CA SER A 55 -5.31 -2.68 5.06
C SER A 55 -5.87 -1.47 5.79
N ARG A 56 -5.35 -1.31 7.01
CA ARG A 56 -5.42 -0.07 7.75
C ARG A 56 -4.21 0.67 7.27
N THR A 57 -4.36 1.98 7.11
CA THR A 57 -3.27 2.81 6.63
C THR A 57 -2.55 3.54 7.76
N ILE A 58 -1.25 3.36 7.83
CA ILE A 58 -0.41 3.90 8.90
C ILE A 58 0.06 5.30 8.56
N THR A 59 -0.32 6.27 9.36
CA THR A 59 0.00 7.67 9.10
C THR A 59 1.39 8.10 9.64
N LYS A 60 1.66 7.83 10.91
CA LYS A 60 2.97 8.08 11.50
C LYS A 60 3.63 6.79 11.97
N VAL A 61 4.88 6.90 12.40
CA VAL A 61 5.51 5.86 13.27
C VAL A 61 6.52 6.50 14.21
N TYR A 62 6.50 6.09 15.48
CA TYR A 62 7.43 6.66 16.47
C TYR A 62 7.61 5.77 17.70
N ALA A 63 8.62 6.06 18.50
CA ALA A 63 8.83 5.26 19.69
C ALA A 63 8.93 6.10 20.96
N ASN A 64 8.49 5.46 22.05
CA ASN A 64 8.51 6.00 23.41
C ASN A 64 8.60 4.85 24.45
N ASN A 65 8.74 5.22 25.72
CA ASN A 65 8.70 4.24 26.81
C ASN A 65 7.38 4.20 27.51
N SER A 66 6.58 5.26 27.35
CA SER A 66 5.23 5.31 27.90
C SER A 66 4.41 4.07 27.51
N GLY A 67 4.15 3.88 26.21
CA GLY A 67 3.17 2.90 25.76
C GLY A 67 1.92 3.58 25.21
N GLY A 68 1.85 4.91 25.39
CA GLY A 68 0.71 5.70 24.97
C GLY A 68 0.92 6.20 23.56
N LEU A 69 -0.02 7.01 23.10
CA LEU A 69 0.19 7.79 21.89
C LEU A 69 1.12 9.01 22.13
N SER A 70 1.82 9.05 23.26
CA SER A 70 2.69 10.20 23.60
C SER A 70 3.97 10.20 22.77
N PHE A 71 4.31 11.34 22.18
CA PHE A 71 5.50 11.38 21.36
C PHE A 71 6.28 12.63 21.64
N SER A 72 7.60 12.49 21.78
CA SER A 72 8.48 13.65 21.91
C SER A 72 9.59 13.63 20.87
N ILE A 73 9.71 14.74 20.14
CA ILE A 73 10.78 14.89 19.16
C ILE A 73 12.09 14.91 19.89
N PHE A 74 12.02 14.66 21.19
CA PHE A 74 13.21 14.71 21.97
C PHE A 74 13.81 13.36 22.26
N ASN A 75 12.96 12.36 22.44
CA ASN A 75 13.43 11.02 22.78
C ASN A 75 12.72 9.94 21.98
N ASN A 76 12.88 9.97 20.66
CA ASN A 76 12.18 9.08 19.80
C ASN A 76 12.75 7.68 19.96
N ARG A 77 12.84 7.19 21.20
CA ARG A 77 13.30 5.82 21.44
C ARG A 77 12.46 5.15 22.51
N GLY A 78 12.57 3.83 22.66
CA GLY A 78 11.80 3.11 23.68
C GLY A 78 11.44 1.68 23.29
N LYS A 79 11.12 0.86 24.29
CA LYS A 79 10.69 -0.53 24.05
C LYS A 79 9.30 -0.64 23.37
N TYR A 80 8.57 0.47 23.36
CA TYR A 80 7.28 0.57 22.66
C TYR A 80 7.38 1.35 21.34
N VAL A 81 7.00 0.67 20.25
CA VAL A 81 6.86 1.30 18.95
C VAL A 81 5.37 1.48 18.69
N VAL A 82 5.03 2.72 18.30
CA VAL A 82 3.66 3.14 17.99
C VAL A 82 3.39 3.16 16.51
N LEU A 83 2.30 2.53 16.09
CA LEU A 83 1.90 2.66 14.72
C LEU A 83 0.54 3.34 14.66
N GLU A 84 0.56 4.64 14.40
CA GLU A 84 -0.67 5.42 14.31
C GLU A 84 -1.38 5.22 12.97
N LEU A 85 -2.68 4.98 13.03
CA LEU A 85 -3.46 4.60 11.84
C LEU A 85 -4.45 5.65 11.44
N SER A 86 -4.75 5.74 10.15
CA SER A 86 -5.65 6.78 9.67
C SER A 86 -7.04 6.50 10.14
N THR A 87 -7.64 7.52 10.69
CA THR A 87 -9.00 7.39 11.16
C THR A 87 -10.04 7.40 10.01
N GLU A 88 -9.59 7.75 8.81
CA GLU A 88 -10.41 7.87 7.59
C GLU A 88 -10.60 6.54 6.87
N ASP A 89 -9.95 5.49 7.37
CA ASP A 89 -10.06 4.16 6.80
C ASP A 89 -11.47 3.66 6.84
N LEU A 90 -11.87 2.88 5.84
CA LEU A 90 -13.14 2.19 5.85
C LEU A 90 -13.35 1.36 7.14
N HIS A 91 -12.63 0.28 7.31
CA HIS A 91 -12.97 -0.54 8.47
C HIS A 91 -12.23 -0.13 9.72
N SER A 92 -12.21 1.19 10.01
CA SER A 92 -11.63 1.68 11.26
C SER A 92 -12.55 1.53 12.51
N ASN A 93 -13.87 1.65 12.30
CA ASN A 93 -14.88 1.47 13.36
C ASN A 93 -14.90 0.12 13.99
N THR A 94 -15.38 0.07 15.22
CA THR A 94 -15.51 -1.16 15.94
C THR A 94 -16.98 -1.57 15.96
N ILE A 95 -17.85 -0.67 15.54
CA ILE A 95 -19.29 -0.92 15.60
C ILE A 95 -19.87 -0.95 14.20
N VAL A 96 -20.48 -2.07 13.84
CA VAL A 96 -21.23 -2.17 12.60
C VAL A 96 -22.68 -1.83 12.93
N PHE A 97 -23.32 -1.05 12.07
CA PHE A 97 -24.72 -0.69 12.25
C PHE A 97 -25.65 -1.79 11.74
N GLY A 98 -25.95 -2.75 12.60
CA GLY A 98 -27.19 -3.51 12.49
C GLY A 98 -28.35 -2.66 12.00
N PRO A 99 -29.33 -3.32 11.39
CA PRO A 99 -30.55 -2.64 10.95
C PRO A 99 -31.69 -2.83 11.95
N ASN A 100 -32.76 -2.08 11.78
CA ASN A 100 -33.58 -1.64 12.91
C ASN A 100 -32.90 -0.53 13.70
N PHE A 101 -32.62 -0.80 14.98
CA PHE A 101 -32.00 0.19 15.85
C PHE A 101 -31.12 -0.48 16.91
N LEU A 102 -30.21 -1.34 16.46
CA LEU A 102 -29.37 -2.12 17.36
C LEU A 102 -28.02 -2.43 16.74
N ASN A 103 -26.99 -1.71 17.18
CA ASN A 103 -25.65 -1.93 16.70
C ASN A 103 -24.97 -2.96 17.54
N THR A 104 -23.91 -3.49 16.99
CA THR A 104 -23.15 -4.53 17.62
C THR A 104 -21.68 -4.20 17.37
N ARG A 105 -20.82 -4.56 18.33
CA ARG A 105 -19.37 -4.28 18.28
C ARG A 105 -18.58 -5.56 18.14
N MET A 106 -18.60 -6.08 16.91
CA MET A 106 -17.53 -6.87 16.31
C MET A 106 -16.36 -7.20 17.27
N LYS A 107 -16.21 -8.47 17.62
CA LYS A 107 -14.99 -8.92 18.31
C LYS A 107 -13.78 -8.53 17.42
N LEU A 108 -12.88 -7.71 17.97
CA LEU A 108 -11.78 -7.12 17.17
C LEU A 108 -10.75 -8.11 16.69
N ASP A 109 -10.35 -8.02 15.44
CA ASP A 109 -9.53 -9.06 14.80
C ASP A 109 -8.40 -8.50 13.93
N TYR A 110 -7.19 -8.49 14.46
CA TYR A 110 -6.07 -7.86 13.74
C TYR A 110 -4.86 -8.76 13.54
N ILE A 111 -4.05 -8.36 12.56
CA ILE A 111 -2.74 -8.96 12.35
C ILE A 111 -1.78 -7.87 11.89
N VAL A 112 -0.60 -7.89 12.49
CA VAL A 112 0.40 -6.86 12.34
C VAL A 112 1.68 -7.53 11.94
N SER A 113 2.53 -6.80 11.20
CA SER A 113 3.83 -7.31 10.75
C SER A 113 4.84 -6.23 10.78
N GLN A 114 6.03 -6.56 11.27
CA GLN A 114 7.20 -5.79 10.93
C GLN A 114 7.78 -6.46 9.69
N LEU A 115 7.86 -5.70 8.59
CA LEU A 115 8.10 -6.27 7.28
C LEU A 115 9.57 -6.46 6.92
N VAL A 116 10.40 -5.61 7.50
CA VAL A 116 11.82 -5.59 7.22
C VAL A 116 12.51 -5.53 8.56
N PRO A 117 13.84 -5.82 8.64
CA PRO A 117 14.52 -5.58 9.91
C PRO A 117 14.51 -4.10 10.30
N ILE A 118 14.63 -3.84 11.59
CA ILE A 118 14.76 -2.48 12.13
C ILE A 118 15.92 -2.39 13.10
N PHE A 119 16.54 -1.21 13.12
CA PHE A 119 17.73 -0.98 13.93
C PHE A 119 17.29 -0.74 15.36
N ASP A 120 17.78 -1.54 16.29
CA ASP A 120 17.49 -1.21 17.68
C ASP A 120 18.65 -0.41 18.30
N VAL A 121 18.47 0.15 19.50
CA VAL A 121 19.50 1.03 20.07
C VAL A 121 20.72 0.30 20.65
N ASP A 122 20.65 -1.01 20.84
CA ASP A 122 21.63 -1.71 21.70
C ASP A 122 22.74 -2.64 21.13
N GLY A 123 22.97 -2.62 19.81
CA GLY A 123 21.91 -2.90 18.86
C GLY A 123 22.04 -4.33 18.30
N ASN A 124 21.88 -4.53 16.99
CA ASN A 124 21.49 -3.47 16.08
C ASN A 124 20.37 -3.90 15.08
N GLU A 125 19.85 -5.14 15.25
CA GLU A 125 18.97 -5.78 14.23
C GLU A 125 17.81 -6.68 14.74
N VAL A 126 16.57 -6.17 14.68
CA VAL A 126 15.39 -6.97 15.09
C VAL A 126 14.67 -7.54 13.88
N GLU A 127 14.46 -8.86 13.90
CA GLU A 127 14.01 -9.61 12.70
C GLU A 127 12.51 -9.52 12.48
N PRO A 128 12.07 -9.35 11.22
CA PRO A 128 10.68 -9.30 10.83
C PRO A 128 9.83 -10.30 11.59
N PHE A 129 8.61 -9.90 11.95
CA PHE A 129 7.61 -10.78 12.60
C PHE A 129 6.19 -10.46 12.10
N THR A 130 5.29 -11.42 12.30
CA THR A 130 3.87 -11.16 12.13
C THR A 130 3.19 -11.78 13.33
N SER A 131 2.09 -11.14 13.74
CA SER A 131 1.39 -11.53 14.93
C SER A 131 -0.05 -11.03 14.85
N LYS A 132 -1.00 -11.86 15.27
CA LYS A 132 -2.35 -11.36 15.61
C LYS A 132 -2.16 -10.43 16.84
N GLN A 133 -3.20 -9.77 17.33
CA GLN A 133 -2.97 -8.90 18.50
C GLN A 133 -2.84 -9.69 19.80
N THR A 134 -2.38 -9.01 20.84
CA THR A 134 -2.29 -9.59 22.16
C THR A 134 -3.25 -8.95 23.16
N ASP A 135 -3.67 -7.71 22.85
CA ASP A 135 -4.22 -6.73 23.77
C ASP A 135 -5.06 -5.70 23.07
N GLU A 136 -6.21 -5.40 23.65
CA GLU A 136 -6.91 -4.17 23.40
C GLU A 136 -6.64 -3.29 24.61
N LYS A 137 -6.71 -1.99 24.43
CA LYS A 137 -6.48 -1.02 25.50
C LYS A 137 -7.23 0.26 25.10
N HIS A 138 -8.42 0.47 25.64
CA HIS A 138 -9.33 1.50 25.16
C HIS A 138 -9.19 2.85 25.88
N LEU A 139 -8.64 3.85 25.18
CA LEU A 139 -8.45 5.17 25.75
C LEU A 139 -9.77 5.77 26.22
N ILE A 140 -9.74 6.40 27.40
CA ILE A 140 -10.87 7.17 27.88
C ILE A 140 -12.16 6.34 27.83
N ILE A 141 -12.00 5.02 27.74
CA ILE A 141 -13.09 4.10 28.04
C ILE A 141 -12.72 3.17 29.19
N ASP A 142 -11.46 2.76 29.24
CA ASP A 142 -10.97 1.86 30.27
C ASP A 142 -10.77 2.60 31.60
N ASP A 143 -11.36 3.79 31.71
CA ASP A 143 -11.31 4.55 32.94
C ASP A 143 -12.64 4.49 33.69
N PHE A 144 -13.71 4.16 32.96
CA PHE A 144 -15.02 3.97 33.57
C PHE A 144 -15.12 2.60 34.22
N LEU A 145 -15.41 2.58 35.52
CA LEU A 145 -15.66 1.37 36.22
C LEU A 145 -16.99 0.76 35.69
N ALA A 146 -17.17 -0.56 35.82
CA ALA A 146 -18.42 -1.20 35.43
C ALA A 146 -19.12 -1.75 36.66
N PHE A 147 -20.43 -1.62 36.66
CA PHE A 147 -21.21 -2.06 37.75
C PHE A 147 -22.52 -2.40 37.11
N THR A 148 -23.23 -3.40 37.65
CA THR A 148 -24.59 -3.68 37.21
C THR A 148 -25.47 -3.29 38.37
N PHE A 149 -26.73 -3.02 38.11
CA PHE A 149 -27.66 -2.64 39.18
C PHE A 149 -28.97 -3.38 39.03
N LYS A 150 -29.47 -3.94 40.14
CA LYS A 150 -30.79 -4.59 40.14
C LYS A 150 -31.83 -3.70 40.80
N ASP A 151 -32.76 -3.17 40.01
CA ASP A 151 -33.81 -2.35 40.57
C ASP A 151 -34.68 -3.24 41.46
N PRO A 152 -34.55 -3.10 42.81
CA PRO A 152 -35.15 -4.03 43.78
C PRO A 152 -36.67 -4.06 43.72
N GLU A 153 -37.24 -2.98 43.18
CA GLU A 153 -38.68 -2.81 43.05
C GLU A 153 -39.28 -3.40 41.74
N THR A 154 -38.46 -3.56 40.70
CA THR A 154 -38.96 -3.98 39.39
C THR A 154 -38.43 -5.35 38.98
N GLY A 155 -37.14 -5.57 39.20
CA GLY A 155 -36.41 -6.71 38.65
C GLY A 155 -35.39 -6.32 37.61
N VAL A 156 -35.69 -5.26 36.84
CA VAL A 156 -34.83 -4.78 35.74
C VAL A 156 -33.36 -4.57 36.12
N GLU A 157 -32.47 -5.22 35.35
CA GLU A 157 -31.06 -5.04 35.55
C GLU A 157 -30.45 -4.07 34.52
N ILE A 158 -29.83 -3.01 35.03
CA ILE A 158 -29.19 -1.99 34.20
C ILE A 158 -27.68 -2.01 34.42
N PRO A 159 -26.92 -2.37 33.38
CA PRO A 159 -25.47 -2.22 33.48
C PRO A 159 -25.08 -0.74 33.36
N TYR A 160 -23.98 -0.36 33.97
CA TYR A 160 -23.58 1.02 33.88
C TYR A 160 -22.08 1.22 34.05
N ARG A 161 -21.57 2.26 33.40
CA ARG A 161 -20.17 2.59 33.47
C ARG A 161 -20.07 3.92 34.19
N LEU A 162 -19.10 4.07 35.08
CA LEU A 162 -18.98 5.30 35.87
C LEU A 162 -17.57 5.83 35.92
N PHE A 163 -17.43 7.12 35.59
CA PHE A 163 -16.12 7.74 35.64
C PHE A 163 -16.02 8.50 36.95
N VAL A 164 -14.84 8.44 37.55
CA VAL A 164 -14.67 8.96 38.88
C VAL A 164 -13.42 9.78 38.84
N PRO A 165 -13.51 11.09 39.16
CA PRO A 165 -12.36 12.02 39.07
C PRO A 165 -11.13 11.47 39.78
N LYS A 166 -9.95 11.93 39.40
CA LYS A 166 -8.77 11.51 40.15
C LYS A 166 -7.80 12.65 40.47
N ASP A 167 -7.01 12.47 41.53
CA ASP A 167 -6.10 13.49 42.10
C ASP A 167 -6.87 14.69 42.59
N VAL A 168 -7.87 14.42 43.40
CA VAL A 168 -8.87 15.42 43.59
C VAL A 168 -9.27 15.34 45.07
N ASN A 169 -9.31 16.48 45.76
CA ASN A 169 -9.56 16.47 47.20
C ASN A 169 -10.95 15.89 47.55
N PRO A 170 -11.00 14.84 48.42
CA PRO A 170 -12.28 14.12 48.67
C PRO A 170 -13.19 14.90 49.58
N ASP A 171 -12.70 16.04 50.06
CA ASP A 171 -13.43 16.88 51.00
C ASP A 171 -14.31 17.92 50.32
N ARG A 172 -14.09 18.08 49.01
CA ARG A 172 -15.01 18.82 48.15
C ARG A 172 -15.98 17.84 47.48
N LYS A 173 -17.03 18.40 46.87
CA LYS A 173 -17.96 17.62 46.07
C LYS A 173 -17.96 18.12 44.63
N TYR A 174 -18.01 17.17 43.71
CA TYR A 174 -17.98 17.46 42.29
C TYR A 174 -19.31 17.09 41.63
N PRO A 175 -19.56 17.60 40.42
CA PRO A 175 -20.83 17.38 39.70
C PRO A 175 -20.98 15.96 39.15
N LEU A 176 -22.11 15.67 38.52
CA LEU A 176 -22.29 14.36 37.90
C LEU A 176 -23.01 14.56 36.57
N VAL A 177 -22.37 14.11 35.50
CA VAL A 177 -22.96 14.21 34.19
C VAL A 177 -23.51 12.84 33.89
N VAL A 178 -24.83 12.70 33.81
CA VAL A 178 -25.39 11.41 33.50
C VAL A 178 -25.65 11.35 31.99
N PHE A 179 -25.21 10.28 31.33
CA PHE A 179 -25.45 10.13 29.89
C PHE A 179 -26.40 8.99 29.49
N LEU A 180 -27.48 9.39 28.82
CA LEU A 180 -28.42 8.46 28.19
C LEU A 180 -28.14 8.33 26.69
N HIS A 181 -27.78 7.11 26.27
CA HIS A 181 -27.48 6.81 24.87
C HIS A 181 -28.72 6.51 24.00
N GLY A 182 -28.47 6.45 22.69
CA GLY A 182 -29.53 6.21 21.69
C GLY A 182 -29.87 4.74 21.50
N ALA A 183 -30.94 4.48 20.75
CA ALA A 183 -31.40 3.09 20.57
C ALA A 183 -30.29 2.18 20.11
N GLY A 184 -29.38 2.71 19.30
CA GLY A 184 -28.30 1.92 18.72
C GLY A 184 -27.34 1.26 19.70
N GLU A 185 -27.24 1.81 20.91
CA GLU A 185 -26.30 1.30 21.90
C GLU A 185 -26.97 0.46 22.97
N ARG A 186 -28.29 0.40 22.92
CA ARG A 186 -29.05 -0.53 23.73
C ARG A 186 -28.42 -1.91 23.68
N GLY A 187 -28.45 -2.62 24.79
CA GLY A 187 -27.72 -3.88 24.89
C GLY A 187 -27.43 -4.26 26.32
N THR A 188 -26.35 -5.02 26.49
CA THR A 188 -26.21 -5.85 27.66
C THR A 188 -24.73 -6.01 27.99
N ASP A 189 -23.91 -5.66 27.01
CA ASP A 189 -22.47 -5.83 27.05
C ASP A 189 -21.81 -4.78 27.93
N ASN A 190 -22.56 -3.75 28.29
CA ASN A 190 -22.05 -2.65 29.10
C ASN A 190 -20.83 -1.98 28.48
N TYR A 191 -20.87 -1.75 27.16
CA TYR A 191 -19.74 -1.13 26.43
C TYR A 191 -20.24 -0.15 25.37
N LEU A 192 -21.19 -0.63 24.59
CA LEU A 192 -21.81 0.13 23.54
C LEU A 192 -22.10 1.57 23.93
N GLN A 193 -22.71 1.77 25.09
CA GLN A 193 -23.14 3.11 25.56
C GLN A 193 -21.99 4.12 25.69
N VAL A 194 -20.80 3.57 25.88
CA VAL A 194 -19.63 4.36 26.09
C VAL A 194 -18.80 4.54 24.79
N ALA A 195 -19.15 3.79 23.72
CA ALA A 195 -18.33 3.77 22.48
C ALA A 195 -19.08 4.21 21.24
N GLY A 196 -20.40 4.23 21.34
CA GLY A 196 -21.28 4.62 20.22
C GLY A 196 -20.97 6.01 19.66
N ASN A 197 -20.68 6.96 20.55
CA ASN A 197 -20.37 8.35 20.20
C ASN A 197 -19.68 8.97 21.41
N ARG A 198 -19.36 10.27 21.35
CA ARG A 198 -18.58 10.90 22.40
C ARG A 198 -19.41 11.31 23.66
N GLY A 199 -20.65 10.81 23.76
CA GLY A 199 -21.61 11.21 24.79
C GLY A 199 -21.20 11.12 26.28
N ALA A 200 -20.40 10.13 26.63
CA ALA A 200 -20.04 9.90 28.03
C ALA A 200 -18.64 10.35 28.15
N VAL A 201 -17.88 9.99 27.13
CA VAL A 201 -16.45 10.07 27.21
C VAL A 201 -15.93 11.51 27.20
N VAL A 202 -16.61 12.41 26.49
CA VAL A 202 -16.16 13.81 26.35
C VAL A 202 -15.88 14.44 27.71
N TRP A 203 -16.77 14.13 28.64
CA TRP A 203 -16.81 14.77 29.91
C TRP A 203 -15.67 14.24 30.70
N ALA A 204 -15.06 13.16 30.21
CA ALA A 204 -13.98 12.55 30.95
C ALA A 204 -12.60 12.87 30.37
N GLN A 205 -12.59 13.55 29.22
CA GLN A 205 -11.33 13.97 28.61
C GLN A 205 -10.51 14.88 29.54
N PRO A 206 -9.18 14.60 29.67
CA PRO A 206 -8.30 15.51 30.39
C PRO A 206 -8.61 16.99 30.22
N ARG A 207 -8.73 17.46 28.99
CA ARG A 207 -8.99 18.89 28.75
C ARG A 207 -10.13 19.47 29.60
N TYR A 208 -11.10 18.65 29.98
CA TYR A 208 -12.23 19.21 30.69
C TYR A 208 -12.11 18.89 32.17
N GLN A 209 -11.66 17.67 32.46
CA GLN A 209 -11.52 17.18 33.84
C GLN A 209 -10.60 18.07 34.65
N VAL A 210 -9.58 18.58 33.96
CA VAL A 210 -8.59 19.45 34.54
C VAL A 210 -9.18 20.80 35.00
N VAL A 211 -10.32 21.20 34.42
CA VAL A 211 -11.01 22.44 34.84
C VAL A 211 -12.39 22.24 35.45
N HIS A 212 -13.02 21.10 35.16
CA HIS A 212 -14.24 20.72 35.87
C HIS A 212 -14.29 19.20 36.09
N PRO A 213 -13.69 18.75 37.18
CA PRO A 213 -13.93 17.39 37.68
C PRO A 213 -15.30 17.27 38.33
N CYS A 214 -15.79 16.04 38.47
CA CYS A 214 -16.98 15.60 37.75
C CYS A 214 -17.00 14.08 37.60
N PHE A 215 -18.07 13.46 38.11
CA PHE A 215 -18.40 12.09 37.74
C PHE A 215 -19.12 12.03 36.40
N VAL A 216 -18.98 10.91 35.71
CA VAL A 216 -19.84 10.58 34.58
C VAL A 216 -20.50 9.23 34.76
N LEU A 217 -21.81 9.18 34.52
CA LEU A 217 -22.55 7.93 34.57
C LEU A 217 -23.17 7.59 33.20
N ALA A 218 -23.02 6.33 32.81
CA ALA A 218 -23.48 5.84 31.52
C ALA A 218 -24.27 4.55 31.68
N PRO A 219 -25.55 4.65 32.05
CA PRO A 219 -26.34 3.43 32.11
C PRO A 219 -26.59 2.92 30.68
N GLN A 220 -26.73 1.59 30.55
CA GLN A 220 -27.01 0.94 29.28
C GLN A 220 -28.41 0.35 29.35
N CYS A 221 -29.24 0.60 28.36
CA CYS A 221 -30.59 0.17 28.49
C CYS A 221 -31.01 -0.83 27.48
N PRO A 222 -31.86 -1.78 27.87
CA PRO A 222 -31.56 -3.21 27.70
C PRO A 222 -32.36 -3.82 26.56
N PRO A 223 -31.67 -4.38 25.57
CA PRO A 223 -32.19 -4.44 24.20
C PRO A 223 -33.69 -4.16 23.93
N ASN A 224 -34.60 -4.89 24.53
CA ASN A 224 -36.00 -4.74 24.10
C ASN A 224 -36.81 -3.55 24.61
N SER A 225 -36.17 -2.62 25.32
CA SER A 225 -36.90 -1.52 25.97
C SER A 225 -36.38 -0.12 25.53
N SER A 226 -36.56 0.88 26.40
CA SER A 226 -36.10 2.24 26.13
C SER A 226 -36.09 3.07 27.43
N TRP A 227 -35.46 4.24 27.39
CA TRP A 227 -35.43 5.13 28.55
C TRP A 227 -36.85 5.65 28.83
N SER A 228 -37.40 6.39 27.87
CA SER A 228 -38.82 6.74 27.92
C SER A 228 -39.61 5.57 27.40
N THR A 229 -40.93 5.68 27.43
CA THR A 229 -41.77 4.66 26.78
C THR A 229 -41.79 4.83 25.25
N LEU A 230 -40.72 5.35 24.66
CA LEU A 230 -40.70 5.55 23.20
C LEU A 230 -41.07 4.25 22.47
N PHE A 231 -40.20 3.25 22.60
CA PHE A 231 -40.33 1.94 21.95
C PHE A 231 -41.24 0.95 22.68
N THR A 232 -42.01 1.42 23.64
CA THR A 232 -42.75 0.50 24.49
C THR A 232 -44.19 0.90 24.55
N ASP A 233 -44.55 1.92 23.80
CA ASP A 233 -45.92 2.39 23.81
C ASP A 233 -46.21 3.31 22.64
N ARG A 234 -46.69 2.72 21.56
CA ARG A 234 -47.22 3.48 20.43
C ARG A 234 -48.51 4.19 20.84
N GLU A 235 -48.50 4.81 22.02
CA GLU A 235 -49.65 5.56 22.47
C GLU A 235 -49.11 6.93 22.79
N ASN A 236 -48.22 6.99 23.78
CA ASN A 236 -47.39 8.16 23.96
C ASN A 236 -46.02 7.77 24.51
N PRO A 237 -44.97 8.23 23.82
CA PRO A 237 -43.59 7.83 24.04
C PRO A 237 -42.85 8.53 25.18
N PHE A 238 -43.52 9.46 25.86
CA PHE A 238 -42.83 10.36 26.77
C PHE A 238 -42.75 9.88 28.21
N ASN A 239 -43.48 8.82 28.55
CA ASN A 239 -43.55 8.40 29.95
C ASN A 239 -42.30 7.69 30.41
N PRO A 240 -42.04 7.73 31.73
CA PRO A 240 -40.85 7.07 32.27
C PRO A 240 -40.92 5.54 32.14
N GLU A 241 -40.00 4.94 31.41
CA GLU A 241 -39.96 3.51 31.36
C GLU A 241 -39.03 2.93 32.43
N LYS A 242 -39.21 1.63 32.72
CA LYS A 242 -38.47 0.96 33.79
C LYS A 242 -36.99 1.33 33.78
N PRO A 243 -36.31 1.24 32.62
CA PRO A 243 -34.90 1.56 32.63
C PRO A 243 -34.63 2.97 33.16
N LEU A 244 -35.43 3.94 32.76
CA LEU A 244 -35.16 5.32 33.16
C LEU A 244 -35.32 5.46 34.68
N LEU A 245 -36.35 4.81 35.22
CA LEU A 245 -36.60 4.85 36.64
C LEU A 245 -35.45 4.15 37.30
N ALA A 246 -35.09 2.96 36.82
CA ALA A 246 -33.97 2.26 37.44
C ALA A 246 -32.85 3.25 37.67
N VAL A 247 -32.57 4.05 36.64
CA VAL A 247 -31.40 4.92 36.60
C VAL A 247 -31.41 6.02 37.66
N ILE A 248 -32.60 6.54 37.92
CA ILE A 248 -32.75 7.60 38.89
C ILE A 248 -32.30 7.06 40.23
N LYS A 249 -32.70 5.83 40.51
CA LYS A 249 -32.26 5.12 41.71
C LYS A 249 -30.72 4.91 41.76
N ILE A 250 -30.11 4.68 40.61
CA ILE A 250 -28.67 4.53 40.61
C ILE A 250 -27.97 5.88 40.75
N ILE A 251 -28.68 6.97 40.41
CA ILE A 251 -28.18 8.32 40.76
C ILE A 251 -28.18 8.41 42.28
N ARG A 252 -29.30 8.02 42.87
CA ARG A 252 -29.40 8.03 44.32
C ARG A 252 -28.29 7.19 44.92
N LYS A 253 -28.01 6.02 44.34
CA LYS A 253 -26.92 5.17 44.87
C LYS A 253 -25.60 5.97 44.84
N LEU A 254 -25.44 6.73 43.77
CA LEU A 254 -24.21 7.43 43.51
C LEU A 254 -24.02 8.54 44.52
N LEU A 255 -25.10 9.28 44.77
CA LEU A 255 -25.11 10.35 45.77
C LEU A 255 -24.61 9.81 47.08
N ASP A 256 -25.13 8.63 47.44
CA ASP A 256 -24.87 7.99 48.73
C ASP A 256 -23.43 7.61 48.93
N GLU A 257 -22.80 7.17 47.85
CA GLU A 257 -21.51 6.54 47.96
C GLU A 257 -20.34 7.47 47.74
N TYR A 258 -20.60 8.64 47.16
CA TYR A 258 -19.55 9.43 46.52
C TYR A 258 -19.71 10.91 46.80
N ASN A 259 -18.60 11.66 46.80
CA ASN A 259 -18.65 13.11 47.03
C ASN A 259 -19.23 13.82 45.84
N ILE A 260 -20.53 13.60 45.65
CA ILE A 260 -21.22 14.09 44.47
C ILE A 260 -22.05 15.25 44.92
N ASP A 261 -21.86 16.38 44.24
CA ASP A 261 -22.55 17.59 44.60
C ASP A 261 -23.98 17.62 44.09
N GLU A 262 -24.93 17.44 44.98
CA GLU A 262 -26.33 17.25 44.61
C GLU A 262 -26.85 18.43 43.81
N ASN A 263 -26.11 19.53 43.83
CA ASN A 263 -26.56 20.77 43.19
C ASN A 263 -26.23 20.86 41.70
N ARG A 264 -25.39 19.94 41.25
CA ARG A 264 -24.88 19.99 39.91
C ARG A 264 -24.92 18.62 39.30
N ILE A 265 -26.13 18.05 39.27
CA ILE A 265 -26.39 16.83 38.51
C ILE A 265 -26.93 17.21 37.13
N TYR A 266 -26.04 17.11 36.14
CA TYR A 266 -26.40 17.38 34.76
C TYR A 266 -26.81 16.11 34.03
N ILE A 267 -27.76 16.26 33.11
CA ILE A 267 -28.17 15.13 32.32
C ILE A 267 -28.14 15.42 30.81
N THR A 268 -27.73 14.43 30.01
CA THR A 268 -27.74 14.60 28.57
C THR A 268 -27.90 13.29 27.82
N GLY A 269 -28.42 13.36 26.59
CA GLY A 269 -28.60 12.19 25.74
C GLY A 269 -29.18 12.46 24.36
N LEU A 270 -28.98 11.51 23.44
CA LEU A 270 -29.45 11.66 22.07
C LEU A 270 -30.56 10.67 21.75
N SER A 271 -31.44 11.05 20.83
CA SER A 271 -32.52 10.18 20.39
C SER A 271 -33.27 9.59 21.59
N MET A 272 -33.46 8.27 21.57
CA MET A 272 -33.99 7.56 22.73
C MET A 272 -33.39 8.10 24.02
N GLY A 273 -32.09 8.35 24.00
CA GLY A 273 -31.43 9.02 25.11
C GLY A 273 -31.85 10.47 25.25
N GLY A 274 -32.47 11.01 24.20
CA GLY A 274 -32.90 12.39 24.19
C GLY A 274 -34.33 12.56 24.68
N TYR A 275 -35.26 11.94 23.98
CA TYR A 275 -36.54 11.58 24.57
C TYR A 275 -36.40 11.29 26.07
N GLY A 276 -35.39 10.51 26.42
CA GLY A 276 -35.16 10.13 27.82
C GLY A 276 -34.74 11.30 28.69
N THR A 277 -33.83 12.16 28.21
CA THR A 277 -33.45 13.37 28.95
C THR A 277 -34.70 14.18 29.24
N TRP A 278 -35.51 14.49 28.23
CA TRP A 278 -36.72 15.32 28.46
C TRP A 278 -37.61 14.75 29.56
N THR A 279 -37.78 13.42 29.56
CA THR A 279 -38.64 12.75 30.50
C THR A 279 -38.06 12.84 31.90
N ALA A 280 -36.78 12.54 32.02
CA ALA A 280 -36.08 12.60 33.30
C ALA A 280 -36.36 13.92 34.01
N ILE A 281 -35.95 15.03 33.39
CA ILE A 281 -36.16 16.33 34.00
C ILE A 281 -37.65 16.67 34.23
N MET A 282 -38.54 16.09 33.45
CA MET A 282 -39.93 16.48 33.59
C MET A 282 -40.59 15.68 34.72
N GLU A 283 -40.09 14.47 34.99
CA GLU A 283 -40.69 13.61 36.01
C GLU A 283 -39.93 13.75 37.29
N PHE A 284 -38.86 14.54 37.29
CA PHE A 284 -38.02 14.77 38.48
C PHE A 284 -37.41 16.18 38.48
N PRO A 285 -38.25 17.21 38.28
CA PRO A 285 -37.74 18.57 38.08
C PRO A 285 -36.76 18.96 39.16
N GLU A 286 -36.86 18.29 40.30
CA GLU A 286 -36.11 18.67 41.47
C GLU A 286 -34.68 18.13 41.39
N LEU A 287 -34.50 17.05 40.64
CA LEU A 287 -33.23 16.30 40.65
C LEU A 287 -32.03 16.93 39.90
N PHE A 288 -32.30 17.60 38.78
CA PHE A 288 -31.23 17.99 37.84
C PHE A 288 -31.03 19.49 37.75
N ALA A 289 -29.76 19.91 37.61
CA ALA A 289 -29.39 21.32 37.53
C ALA A 289 -29.57 21.90 36.13
N ALA A 290 -29.42 21.05 35.11
CA ALA A 290 -29.47 21.50 33.73
C ALA A 290 -29.47 20.32 32.76
N ALA A 291 -29.98 20.55 31.55
CA ALA A 291 -30.04 19.45 30.58
C ALA A 291 -29.70 19.85 29.14
N ILE A 292 -29.04 18.95 28.43
CA ILE A 292 -28.90 19.06 26.98
C ILE A 292 -29.53 17.86 26.27
N PRO A 293 -30.76 18.04 25.79
CA PRO A 293 -31.46 16.98 25.05
C PRO A 293 -31.22 17.07 23.54
N ILE A 294 -30.57 16.05 22.98
CA ILE A 294 -30.26 16.05 21.56
C ILE A 294 -31.18 15.12 20.78
N CYS A 295 -31.80 15.72 19.76
CA CYS A 295 -32.86 15.14 18.96
C CYS A 295 -33.76 14.09 19.69
N GLY A 296 -34.66 14.59 20.54
CA GLY A 296 -35.68 13.76 21.19
C GLY A 296 -37.02 14.48 21.28
N GLY A 297 -37.84 14.08 22.25
CA GLY A 297 -39.08 14.78 22.58
C GLY A 297 -39.32 14.39 24.04
N GLY A 298 -40.43 14.79 24.67
CA GLY A 298 -41.38 15.79 24.17
C GLY A 298 -42.79 15.82 24.78
N ASP A 299 -42.91 15.95 26.11
CA ASP A 299 -44.25 16.10 26.73
C ASP A 299 -44.67 17.57 27.07
N VAL A 300 -45.27 18.25 26.09
CA VAL A 300 -45.49 19.69 26.15
C VAL A 300 -46.34 20.15 27.32
N SER A 301 -47.33 19.36 27.69
CA SER A 301 -48.18 19.63 28.87
C SER A 301 -47.35 19.87 30.15
N LYS A 302 -46.19 19.24 30.19
CA LYS A 302 -45.39 19.16 31.40
C LYS A 302 -44.20 20.11 31.43
N VAL A 303 -44.14 21.09 30.53
CA VAL A 303 -43.01 22.06 30.50
C VAL A 303 -43.03 23.05 31.67
N GLU A 304 -44.21 23.22 32.26
CA GLU A 304 -44.35 24.11 33.39
C GLU A 304 -43.40 23.70 34.53
N ARG A 305 -43.18 22.40 34.72
CA ARG A 305 -42.32 21.93 35.80
C ARG A 305 -40.87 22.37 35.62
N ILE A 306 -40.38 22.32 34.38
CA ILE A 306 -38.96 22.52 34.09
C ILE A 306 -38.66 23.97 33.78
N LYS A 307 -39.63 24.84 34.04
CA LYS A 307 -39.53 26.26 33.75
C LYS A 307 -38.23 26.90 34.29
N ASP A 308 -37.63 26.27 35.31
CA ASP A 308 -36.50 26.89 35.98
C ASP A 308 -35.17 26.21 35.73
N ILE A 309 -35.19 25.13 34.96
CA ILE A 309 -33.98 24.39 34.60
C ILE A 309 -33.30 24.94 33.32
N PRO A 310 -32.05 25.40 33.45
CA PRO A 310 -31.26 25.79 32.27
C PRO A 310 -31.17 24.62 31.26
N ILE A 311 -31.52 24.89 30.00
CA ILE A 311 -31.57 23.80 29.00
C ILE A 311 -31.12 24.25 27.62
N TRP A 312 -30.14 23.57 27.05
CA TRP A 312 -29.73 23.87 25.68
C TRP A 312 -30.16 22.77 24.72
N VAL A 313 -31.09 23.08 23.85
CA VAL A 313 -31.55 22.06 22.91
C VAL A 313 -30.76 22.03 21.57
N PHE A 314 -30.62 20.83 21.01
CA PHE A 314 -29.89 20.61 19.75
C PHE A 314 -30.61 19.58 18.85
N HIS A 315 -30.81 19.91 17.57
CA HIS A 315 -31.53 19.04 16.61
C HIS A 315 -31.08 19.50 15.24
N ALA A 316 -30.87 18.60 14.30
CA ALA A 316 -30.55 19.09 12.94
C ALA A 316 -31.83 19.22 12.18
N GLU A 317 -31.95 20.27 11.37
CA GLU A 317 -33.21 20.59 10.68
C GLU A 317 -33.74 19.42 9.84
N ASP A 318 -32.81 18.80 9.12
CA ASP A 318 -33.13 17.71 8.23
C ASP A 318 -32.91 16.30 8.82
N ASP A 319 -33.07 16.14 10.14
CA ASP A 319 -33.05 14.79 10.76
C ASP A 319 -34.32 14.06 10.34
N PRO A 320 -34.20 12.89 9.67
CA PRO A 320 -35.34 12.16 9.12
C PRO A 320 -35.75 10.97 9.97
N VAL A 321 -34.99 10.71 11.05
CA VAL A 321 -35.34 9.68 12.06
C VAL A 321 -36.26 10.28 13.16
N VAL A 322 -35.75 11.29 13.88
CA VAL A 322 -36.55 12.09 14.84
C VAL A 322 -36.79 13.51 14.28
N PRO A 323 -37.98 13.76 13.68
CA PRO A 323 -38.40 15.05 13.08
C PRO A 323 -38.02 16.23 13.95
N VAL A 324 -37.56 17.32 13.31
CA VAL A 324 -37.04 18.49 14.05
C VAL A 324 -38.17 19.21 14.82
N GLU A 325 -39.40 19.11 14.29
CA GLU A 325 -40.58 19.73 14.91
C GLU A 325 -40.70 19.31 16.40
N ASN A 326 -40.47 18.02 16.66
CA ASN A 326 -40.24 17.49 18.00
C ASN A 326 -39.45 18.37 19.02
N SER A 327 -38.33 18.97 18.61
CA SER A 327 -37.58 19.85 19.51
C SER A 327 -38.13 21.26 19.51
N ARG A 328 -38.72 21.66 18.38
CA ARG A 328 -39.20 23.04 18.22
C ARG A 328 -40.41 23.27 19.10
N VAL A 329 -41.29 22.27 19.12
CA VAL A 329 -42.50 22.30 19.90
C VAL A 329 -42.14 22.63 21.37
N LEU A 330 -41.30 21.81 22.00
CA LEU A 330 -40.78 22.05 23.34
C LEU A 330 -40.12 23.43 23.53
N VAL A 331 -39.11 23.74 22.73
CA VAL A 331 -38.41 25.01 22.88
C VAL A 331 -39.44 26.15 22.78
N LYS A 332 -40.35 26.06 21.82
CA LYS A 332 -41.27 27.16 21.59
C LYS A 332 -42.08 27.36 22.83
N LYS A 333 -42.67 26.27 23.32
CA LYS A 333 -43.49 26.34 24.53
C LYS A 333 -42.67 26.79 25.74
N LEU A 334 -41.49 26.19 25.94
CA LEU A 334 -40.56 26.64 26.97
C LEU A 334 -40.39 28.13 26.98
N ALA A 335 -39.84 28.68 25.90
CA ALA A 335 -39.56 30.11 25.81
C ALA A 335 -40.72 31.05 26.21
N GLU A 336 -41.90 30.86 25.63
CA GLU A 336 -43.05 31.72 25.92
C GLU A 336 -43.49 31.63 27.37
N ILE A 337 -43.11 30.54 28.01
CA ILE A 337 -43.49 30.28 29.38
C ILE A 337 -42.50 30.83 30.40
N GLY A 338 -41.47 31.52 29.92
CA GLY A 338 -40.45 32.06 30.79
C GLY A 338 -39.18 31.23 30.79
N GLY A 339 -39.13 30.24 29.90
CA GLY A 339 -38.13 29.19 29.99
C GLY A 339 -36.96 29.58 30.87
N LYS A 340 -35.83 29.90 30.23
CA LYS A 340 -34.54 29.33 30.61
C LYS A 340 -34.12 28.22 29.64
N VAL A 341 -33.99 28.59 28.36
CA VAL A 341 -33.71 27.60 27.31
C VAL A 341 -32.84 28.16 26.19
N ARG A 342 -32.04 27.30 25.57
CA ARG A 342 -31.23 27.64 24.42
C ARG A 342 -31.46 26.65 23.30
N TYR A 343 -31.12 27.03 22.09
CA TYR A 343 -31.46 26.19 20.97
C TYR A 343 -30.63 26.48 19.77
N THR A 344 -29.73 25.54 19.47
CA THR A 344 -29.04 25.51 18.23
C THR A 344 -29.70 24.42 17.39
N GLU A 345 -30.28 24.84 16.26
CA GLU A 345 -30.81 23.91 15.25
C GLU A 345 -30.01 23.96 13.96
N TYR A 346 -29.19 22.94 13.71
CA TYR A 346 -28.29 22.90 12.51
C TYR A 346 -29.02 22.95 11.14
N GLU A 347 -28.51 23.80 10.26
CA GLU A 347 -29.08 24.06 8.93
C GLU A 347 -29.16 22.81 8.03
N LYS A 348 -30.22 22.72 7.22
CA LYS A 348 -30.32 21.65 6.21
C LYS A 348 -29.01 21.59 5.42
N GLY A 349 -28.47 20.39 5.26
CA GLY A 349 -27.17 20.23 4.61
C GLY A 349 -25.98 20.26 5.55
N PHE A 350 -25.96 21.20 6.51
CA PHE A 350 -24.78 21.41 7.38
C PHE A 350 -24.13 20.12 7.83
N MET A 351 -24.94 19.15 8.19
CA MET A 351 -24.42 17.90 8.67
C MET A 351 -23.72 17.17 7.53
N GLU A 352 -24.49 16.85 6.49
CA GLU A 352 -23.99 16.17 5.30
C GLU A 352 -22.66 16.76 4.85
N LYS A 353 -22.68 18.07 4.58
CA LYS A 353 -21.50 18.92 4.35
C LYS A 353 -20.26 18.51 5.17
N HIS A 354 -20.44 18.06 6.43
CA HIS A 354 -19.32 17.67 7.32
C HIS A 354 -19.05 16.18 7.37
N GLY A 355 -19.87 15.42 6.65
CA GLY A 355 -19.72 13.97 6.51
C GLY A 355 -20.52 13.18 7.52
N TRP A 356 -21.69 13.70 7.95
CA TRP A 356 -22.42 13.17 9.11
C TRP A 356 -23.85 12.89 8.70
N ASP A 357 -24.40 11.75 9.12
CA ASP A 357 -25.82 11.49 8.90
C ASP A 357 -26.60 12.63 9.56
N PRO A 358 -27.60 13.24 8.87
CA PRO A 358 -28.23 14.38 9.59
C PRO A 358 -28.87 13.99 10.94
N HIS A 359 -29.12 12.71 11.18
CA HIS A 359 -29.63 12.27 12.47
C HIS A 359 -28.58 12.41 13.57
N GLY A 360 -27.29 12.32 13.23
CA GLY A 360 -26.20 12.43 14.20
C GLY A 360 -25.87 13.82 14.73
N SER A 361 -26.90 14.62 14.99
CA SER A 361 -26.77 15.98 15.54
C SER A 361 -26.01 16.07 16.85
N TRP A 362 -25.79 14.93 17.51
CA TRP A 362 -25.00 14.94 18.75
C TRP A 362 -23.54 15.18 18.47
N ILE A 363 -23.12 14.95 17.24
CA ILE A 363 -21.69 15.01 16.90
C ILE A 363 -21.07 16.41 17.02
N PRO A 364 -21.60 17.44 16.29
CA PRO A 364 -21.03 18.79 16.55
C PRO A 364 -21.25 19.22 18.00
N THR A 365 -22.40 18.83 18.56
CA THR A 365 -22.78 19.17 19.92
C THR A 365 -21.74 18.87 20.95
N TYR A 366 -21.19 17.66 20.99
CA TYR A 366 -20.24 17.30 22.06
C TYR A 366 -18.86 17.84 21.76
N GLU A 367 -18.78 18.45 20.59
CA GLU A 367 -17.56 19.10 20.12
C GLU A 367 -17.70 20.60 20.30
N ASN A 368 -18.81 21.00 20.89
CA ASN A 368 -19.03 22.40 21.23
C ASN A 368 -18.46 22.84 22.59
N GLN A 369 -17.37 23.60 22.56
CA GLN A 369 -16.77 24.12 23.79
C GLN A 369 -17.77 24.97 24.58
N GLU A 370 -18.54 25.80 23.89
CA GLU A 370 -19.54 26.61 24.58
C GLU A 370 -20.46 25.75 25.44
N ALA A 371 -21.04 24.72 24.81
CA ALA A 371 -22.07 23.87 25.45
C ALA A 371 -21.57 23.24 26.73
N ILE A 372 -20.31 22.76 26.69
CA ILE A 372 -19.64 22.14 27.83
C ILE A 372 -19.33 23.17 28.92
N GLU A 373 -18.70 24.27 28.53
CA GLU A 373 -18.44 25.37 29.46
C GLU A 373 -19.75 25.84 30.08
N TRP A 374 -20.76 26.01 29.22
CA TRP A 374 -22.10 26.43 29.66
C TRP A 374 -22.72 25.50 30.68
N LEU A 375 -22.56 24.20 30.45
CA LEU A 375 -23.17 23.23 31.32
C LEU A 375 -22.61 23.34 32.74
N PHE A 376 -21.31 23.62 32.83
CA PHE A 376 -20.67 23.61 34.13
C PHE A 376 -20.94 24.84 34.95
N GLU A 377 -21.32 25.94 34.30
CA GLU A 377 -21.76 27.11 35.07
C GLU A 377 -23.23 27.03 35.52
N GLN A 378 -23.90 25.90 35.30
CA GLN A 378 -25.22 25.71 35.87
C GLN A 378 -25.12 24.97 37.18
N SER A 379 -26.07 25.23 38.08
CA SER A 379 -26.08 24.77 39.48
C SER A 379 -27.39 25.19 40.16
N ARG A 380 -27.65 24.73 41.39
CA ARG A 380 -28.87 25.14 42.13
C ARG A 380 -28.62 26.00 43.40
N VAL B 6 8.94 -22.67 4.22
CA VAL B 6 8.71 -22.65 2.78
C VAL B 6 9.94 -23.12 2.01
N LYS B 7 9.73 -23.89 0.96
CA LYS B 7 10.82 -24.49 0.21
C LYS B 7 11.69 -23.41 -0.43
N SER B 8 11.08 -22.40 -1.06
CA SER B 8 11.92 -21.35 -1.66
C SER B 8 11.24 -20.04 -2.02
N VAL B 9 12.05 -18.98 -2.14
CA VAL B 9 11.60 -17.78 -2.84
C VAL B 9 12.57 -17.33 -3.93
N THR B 10 12.03 -17.31 -5.14
CA THR B 10 12.78 -17.18 -6.35
C THR B 10 12.37 -15.89 -7.01
N LEU B 11 13.34 -15.01 -7.22
CA LEU B 11 13.15 -13.83 -8.06
C LEU B 11 13.11 -14.26 -9.52
N ILE B 12 12.40 -13.49 -10.33
CA ILE B 12 12.44 -13.70 -11.77
C ILE B 12 12.77 -12.41 -12.49
N THR B 13 13.91 -12.41 -13.18
CA THR B 13 14.28 -11.30 -14.08
C THR B 13 13.83 -11.63 -15.52
N LYS B 14 13.61 -10.59 -16.31
CA LYS B 14 13.15 -10.70 -17.70
C LYS B 14 13.66 -9.45 -18.38
N VAL B 15 14.19 -9.58 -19.60
CA VAL B 15 14.72 -8.41 -20.31
C VAL B 15 13.61 -7.67 -21.03
N PHE B 16 13.37 -6.45 -20.57
CA PHE B 16 12.36 -5.63 -21.17
C PHE B 16 13.06 -4.69 -22.12
N PRO B 17 12.32 -4.11 -23.06
CA PRO B 17 13.00 -3.20 -24.00
C PRO B 17 13.97 -2.26 -23.29
N GLU B 18 13.63 -1.88 -22.07
CA GLU B 18 14.33 -0.83 -21.33
C GLU B 18 15.53 -1.43 -20.60
N GLY B 19 15.58 -2.76 -20.53
CA GLY B 19 16.60 -3.47 -19.75
C GLY B 19 15.99 -4.52 -18.84
N GLU B 20 16.81 -5.06 -17.95
CA GLU B 20 16.42 -6.18 -17.08
C GLU B 20 15.64 -5.69 -15.86
N LYS B 21 14.73 -6.53 -15.37
CA LYS B 21 13.83 -6.13 -14.28
C LYS B 21 13.41 -7.32 -13.45
N VAL B 22 13.21 -7.11 -12.16
CA VAL B 22 12.52 -8.14 -11.41
C VAL B 22 11.05 -7.93 -11.64
N CYS B 23 10.37 -8.99 -12.10
CA CYS B 23 8.99 -8.90 -12.57
C CYS B 23 8.15 -10.01 -11.97
N ALA B 24 8.78 -10.96 -11.32
CA ALA B 24 8.00 -11.88 -10.52
C ALA B 24 8.79 -12.45 -9.35
N VAL B 25 8.08 -12.75 -8.28
CA VAL B 25 8.62 -13.51 -7.19
C VAL B 25 7.81 -14.76 -7.16
N VAL B 26 8.50 -15.89 -7.16
CA VAL B 26 7.84 -17.18 -7.17
C VAL B 26 8.11 -17.87 -5.84
N ILE B 27 7.04 -18.21 -5.13
CA ILE B 27 7.16 -18.69 -3.75
C ILE B 27 6.80 -20.17 -3.65
N GLU B 28 7.77 -21.00 -3.32
CA GLU B 28 7.58 -22.43 -3.27
C GLU B 28 7.09 -22.94 -1.92
N TYR B 29 5.85 -23.42 -1.88
CA TYR B 29 5.27 -23.94 -0.65
C TYR B 29 5.63 -25.41 -0.45
N PRO B 30 5.33 -25.94 0.74
CA PRO B 30 5.36 -27.37 0.97
C PRO B 30 3.98 -27.98 0.78
N VAL B 31 3.02 -27.17 0.37
CA VAL B 31 1.76 -27.75 -0.02
C VAL B 31 1.21 -27.07 -1.28
N GLU B 32 -0.07 -27.30 -1.56
CA GLU B 32 -0.69 -26.83 -2.78
C GLU B 32 -1.71 -25.78 -2.47
N ILE B 33 -1.49 -24.60 -3.02
CA ILE B 33 -2.29 -23.43 -2.72
C ILE B 33 -3.37 -23.15 -3.77
N ASP B 34 -4.58 -22.93 -3.29
CA ASP B 34 -5.73 -22.63 -4.12
C ASP B 34 -5.68 -21.16 -4.50
N GLY B 35 -5.14 -20.87 -5.68
CA GLY B 35 -4.94 -19.52 -6.14
C GLY B 35 -6.22 -18.78 -6.43
N GLN B 36 -7.28 -19.53 -6.75
CA GLN B 36 -8.65 -19.01 -6.84
C GLN B 36 -8.88 -17.86 -5.85
N LYS B 37 -8.58 -18.15 -4.58
CA LYS B 37 -8.80 -17.23 -3.47
C LYS B 37 -7.59 -16.35 -3.12
N LEU B 38 -6.57 -16.30 -3.98
CA LEU B 38 -5.37 -15.53 -3.68
C LEU B 38 -5.56 -14.06 -4.07
N SER B 39 -4.81 -13.20 -3.41
CA SER B 39 -4.95 -11.78 -3.63
C SER B 39 -3.64 -11.02 -3.43
N PRO B 40 -3.43 -9.97 -4.26
CA PRO B 40 -2.17 -9.21 -4.16
C PRO B 40 -1.97 -8.62 -2.78
N ASP B 41 -3.03 -8.04 -2.22
CA ASP B 41 -2.97 -7.49 -0.88
C ASP B 41 -2.67 -8.51 0.23
N GLN B 42 -2.30 -9.73 -0.10
CA GLN B 42 -1.95 -10.72 0.92
C GLN B 42 -0.45 -10.86 1.08
N PHE B 43 0.32 -10.25 0.16
CA PHE B 43 1.78 -10.36 0.18
C PHE B 43 2.45 -8.99 0.13
N SER B 44 3.76 -8.97 0.31
CA SER B 44 4.50 -7.75 0.20
C SER B 44 5.88 -8.13 -0.28
N VAL B 45 6.40 -7.34 -1.20
CA VAL B 45 7.73 -7.57 -1.74
C VAL B 45 8.45 -6.25 -1.79
N LYS B 46 9.65 -6.18 -1.23
CA LYS B 46 10.38 -4.90 -1.25
C LYS B 46 11.75 -5.13 -1.75
N VAL B 47 12.30 -4.13 -2.46
CA VAL B 47 13.70 -4.15 -2.88
C VAL B 47 14.54 -3.15 -2.09
N LYS B 48 15.53 -3.69 -1.37
CA LYS B 48 16.55 -2.90 -0.70
C LYS B 48 17.26 -2.08 -1.76
N THR B 49 17.36 -0.77 -1.55
CA THR B 49 18.16 0.12 -2.39
C THR B 49 18.35 1.40 -1.60
N GLY B 50 19.61 1.76 -1.40
CA GLY B 50 20.65 0.76 -1.21
C GLY B 50 20.87 0.58 0.28
N ASP B 51 20.34 1.54 1.00
CA ASP B 51 20.30 1.59 2.46
C ASP B 51 18.92 1.16 3.02
N THR B 52 17.85 1.82 2.55
CA THR B 52 16.45 1.47 2.82
C THR B 52 15.91 0.39 1.87
N TYR B 53 14.70 -0.09 2.16
CA TYR B 53 13.89 -0.91 1.25
C TYR B 53 12.79 -0.06 0.63
N SER B 54 12.21 -0.48 -0.49
CA SER B 54 10.96 0.14 -0.98
C SER B 54 10.01 -0.87 -1.66
N SER B 55 8.72 -0.58 -1.58
CA SER B 55 7.66 -1.50 -2.05
C SER B 55 7.70 -1.76 -3.55
N ARG B 56 7.34 -2.96 -3.92
CA ARG B 56 7.20 -3.28 -5.30
C ARG B 56 5.74 -3.44 -5.47
N THR B 57 5.20 -3.11 -6.64
CA THR B 57 3.76 -3.21 -6.81
C THR B 57 3.38 -4.61 -7.29
N ILE B 58 2.60 -5.33 -6.51
CA ILE B 58 2.16 -6.64 -6.96
C ILE B 58 0.94 -6.44 -7.84
N THR B 59 0.99 -6.95 -9.05
CA THR B 59 -0.09 -6.65 -9.98
C THR B 59 -1.06 -7.84 -10.15
N LYS B 60 -0.60 -9.06 -9.88
CA LYS B 60 -1.38 -10.27 -10.13
C LYS B 60 -0.84 -11.44 -9.27
N VAL B 61 -1.68 -12.46 -9.02
CA VAL B 61 -1.30 -13.57 -8.15
C VAL B 61 -1.88 -14.88 -8.67
N TYR B 62 -1.15 -15.97 -8.43
CA TYR B 62 -1.61 -17.30 -8.81
C TYR B 62 -0.56 -18.36 -8.49
N ALA B 63 -0.64 -19.49 -9.18
CA ALA B 63 -0.89 -20.77 -8.53
C ALA B 63 -0.82 -21.92 -9.54
N ASN B 64 0.39 -22.26 -9.95
CA ASN B 64 0.59 -23.40 -10.83
C ASN B 64 1.50 -24.47 -10.20
N ASN B 65 1.62 -25.60 -10.86
CA ASN B 65 2.67 -26.61 -10.51
C ASN B 65 3.98 -26.42 -11.27
N SER B 66 3.85 -25.74 -12.41
CA SER B 66 4.96 -25.29 -13.23
C SER B 66 6.11 -24.67 -12.39
N GLY B 67 6.04 -23.36 -12.10
CA GLY B 67 7.17 -22.61 -11.52
C GLY B 67 7.49 -21.38 -12.36
N GLY B 68 6.96 -21.34 -13.59
CA GLY B 68 7.16 -20.19 -14.47
C GLY B 68 6.02 -19.21 -14.32
N LEU B 69 6.13 -18.05 -14.96
CA LEU B 69 5.06 -17.05 -14.90
C LEU B 69 3.80 -17.47 -15.66
N SER B 70 3.45 -18.75 -15.61
CA SER B 70 2.38 -19.28 -16.45
C SER B 70 1.17 -19.69 -15.65
N PHE B 71 0.04 -19.15 -16.07
CA PHE B 71 -1.17 -19.20 -15.30
C PHE B 71 -2.24 -19.80 -16.21
N SER B 72 -3.07 -20.67 -15.64
CA SER B 72 -4.25 -21.14 -16.36
C SER B 72 -5.52 -20.95 -15.54
N ILE B 73 -6.56 -20.34 -16.11
CA ILE B 73 -7.81 -20.17 -15.37
C ILE B 73 -8.41 -21.50 -14.91
N PHE B 74 -7.92 -22.60 -15.45
CA PHE B 74 -8.53 -23.90 -15.15
C PHE B 74 -8.03 -24.65 -13.94
N ASN B 75 -6.73 -24.55 -13.66
CA ASN B 75 -6.31 -24.73 -12.30
C ASN B 75 -5.34 -23.70 -11.84
N ASN B 76 -5.92 -22.80 -11.07
CA ASN B 76 -5.22 -21.85 -10.28
C ASN B 76 -4.72 -22.53 -9.01
N ARG B 77 -3.76 -23.46 -9.17
CA ARG B 77 -3.09 -24.17 -8.05
C ARG B 77 -1.80 -24.79 -8.59
N GLY B 78 -0.89 -25.31 -7.76
CA GLY B 78 -1.00 -25.37 -6.32
C GLY B 78 0.29 -25.03 -5.59
N LYS B 79 1.29 -25.90 -5.69
CA LYS B 79 2.57 -25.78 -4.97
C LYS B 79 3.22 -24.40 -5.09
N TYR B 80 3.21 -23.85 -6.29
CA TYR B 80 3.95 -22.63 -6.62
C TYR B 80 3.06 -21.41 -6.68
N VAL B 81 3.58 -20.29 -6.16
CA VAL B 81 2.83 -19.07 -6.14
C VAL B 81 3.66 -17.94 -6.69
N VAL B 82 3.14 -17.36 -7.76
CA VAL B 82 3.76 -16.30 -8.49
C VAL B 82 3.11 -14.98 -8.09
N LEU B 83 3.97 -14.04 -7.74
CA LEU B 83 3.57 -12.69 -7.57
C LEU B 83 4.24 -11.92 -8.67
N GLU B 84 3.44 -11.41 -9.60
CA GLU B 84 3.94 -10.51 -10.65
C GLU B 84 4.02 -9.11 -10.12
N LEU B 85 5.17 -8.50 -10.40
CA LEU B 85 5.45 -7.15 -9.98
C LEU B 85 5.32 -6.19 -11.15
N SER B 86 5.03 -4.93 -10.86
CA SER B 86 4.83 -3.93 -11.91
C SER B 86 6.14 -3.39 -12.45
N THR B 87 6.21 -3.20 -13.76
CA THR B 87 7.47 -2.78 -14.36
C THR B 87 7.55 -1.30 -14.48
N GLU B 88 6.49 -0.59 -14.06
CA GLU B 88 6.54 0.86 -14.00
C GLU B 88 7.05 1.26 -12.63
N ASP B 89 7.38 0.30 -11.78
CA ASP B 89 8.01 0.61 -10.50
C ASP B 89 9.32 1.30 -10.70
N LEU B 90 9.64 2.22 -9.80
CA LEU B 90 10.83 3.03 -9.94
C LEU B 90 12.06 2.17 -9.84
N HIS B 91 12.05 1.21 -8.92
CA HIS B 91 13.22 0.43 -8.67
C HIS B 91 13.10 -0.95 -9.25
N SER B 92 12.56 -1.05 -10.45
CA SER B 92 12.44 -2.35 -11.10
C SER B 92 13.72 -2.71 -11.88
N ASN B 93 14.55 -1.71 -12.18
CA ASN B 93 15.79 -1.93 -12.91
C ASN B 93 16.86 -2.52 -12.03
N THR B 94 17.47 -3.60 -12.53
CA THR B 94 18.65 -4.23 -11.94
C THR B 94 19.90 -3.42 -12.26
N ILE B 95 19.90 -2.80 -13.42
CA ILE B 95 21.02 -1.99 -13.82
C ILE B 95 20.76 -0.52 -13.49
N VAL B 96 21.76 0.13 -12.92
CA VAL B 96 21.71 1.55 -12.61
C VAL B 96 22.84 2.23 -13.39
N PHE B 97 22.47 3.23 -14.19
CA PHE B 97 23.43 3.93 -15.03
C PHE B 97 24.32 4.86 -14.21
N GLY B 98 25.57 4.45 -14.06
CA GLY B 98 26.61 5.31 -13.49
C GLY B 98 27.32 6.14 -14.54
N PRO B 99 28.08 7.13 -14.09
CA PRO B 99 27.82 8.53 -14.45
C PRO B 99 28.66 8.97 -15.63
N ASN B 100 28.37 8.42 -16.81
CA ASN B 100 29.41 7.96 -17.72
C ASN B 100 28.84 7.24 -18.93
N PHE B 101 29.66 6.41 -19.56
CA PHE B 101 29.17 5.26 -20.30
C PHE B 101 29.60 3.96 -19.64
N LEU B 102 29.28 3.82 -18.35
CA LEU B 102 29.38 2.53 -17.66
C LEU B 102 28.28 2.38 -16.63
N ASN B 103 27.25 1.61 -16.98
CA ASN B 103 26.27 1.14 -16.01
C ASN B 103 26.79 -0.01 -15.18
N THR B 104 25.97 -0.52 -14.27
CA THR B 104 26.36 -1.58 -13.38
C THR B 104 25.15 -2.30 -12.75
N ARG B 105 25.32 -3.58 -12.42
CA ARG B 105 24.21 -4.45 -12.00
C ARG B 105 24.28 -4.77 -10.52
N MET B 106 23.50 -4.07 -9.72
CA MET B 106 23.55 -4.25 -8.27
C MET B 106 23.08 -5.66 -7.88
N LYS B 107 23.87 -6.35 -7.06
CA LYS B 107 23.45 -7.66 -6.55
C LYS B 107 22.03 -7.51 -5.95
N LEU B 108 21.17 -8.47 -6.24
CA LEU B 108 19.76 -8.28 -5.95
C LEU B 108 19.45 -8.56 -4.50
N ASP B 109 18.77 -7.62 -3.85
CA ASP B 109 18.39 -7.72 -2.43
C ASP B 109 16.88 -7.54 -2.19
N TYR B 110 16.19 -8.64 -1.91
CA TYR B 110 14.75 -8.62 -1.78
C TYR B 110 14.26 -9.26 -0.49
N ILE B 111 13.20 -8.70 0.08
CA ILE B 111 12.51 -9.31 1.21
C ILE B 111 11.04 -9.47 0.89
N VAL B 112 10.53 -10.64 1.22
CA VAL B 112 9.22 -11.04 0.79
C VAL B 112 8.45 -11.56 2.01
N SER B 113 7.21 -11.10 2.14
CA SER B 113 6.38 -11.54 3.24
C SER B 113 5.01 -12.00 2.77
N GLN B 114 4.52 -13.03 3.43
CA GLN B 114 3.13 -13.39 3.32
C GLN B 114 2.36 -12.84 4.51
N LEU B 115 1.55 -11.81 4.30
CA LEU B 115 0.92 -11.05 5.39
C LEU B 115 -0.22 -11.76 6.14
N VAL B 116 -1.02 -12.55 5.43
CA VAL B 116 -2.15 -13.26 6.05
C VAL B 116 -2.15 -14.79 5.84
N PRO B 117 -2.90 -15.53 6.69
CA PRO B 117 -3.05 -16.94 6.36
C PRO B 117 -3.79 -17.05 5.06
N ILE B 118 -3.34 -18.01 4.23
CA ILE B 118 -4.01 -18.39 2.98
C ILE B 118 -4.52 -19.84 3.02
N PHE B 119 -5.63 -20.05 2.32
CA PHE B 119 -6.29 -21.33 2.27
C PHE B 119 -5.51 -22.17 1.30
N ASP B 120 -5.14 -23.38 1.69
CA ASP B 120 -4.59 -24.34 0.73
C ASP B 120 -5.71 -25.12 0.00
N VAL B 121 -5.36 -26.09 -0.85
CA VAL B 121 -6.36 -26.61 -1.83
C VAL B 121 -7.54 -27.37 -1.20
N ASP B 122 -7.19 -28.12 -0.16
CA ASP B 122 -8.16 -28.75 0.72
C ASP B 122 -8.56 -27.74 1.83
N GLY B 123 -7.57 -26.96 2.25
CA GLY B 123 -7.73 -25.66 2.88
C GLY B 123 -8.59 -25.62 4.13
N ASN B 124 -8.01 -25.75 5.32
CA ASN B 124 -6.55 -25.65 5.62
C ASN B 124 -5.84 -24.33 5.35
N GLU B 125 -5.62 -23.62 6.44
CA GLU B 125 -4.83 -22.41 6.44
C GLU B 125 -3.35 -22.68 6.16
N VAL B 126 -2.69 -21.69 5.58
CA VAL B 126 -1.24 -21.63 5.56
C VAL B 126 -0.73 -20.33 6.24
N GLU B 127 0.11 -20.51 7.26
CA GLU B 127 0.46 -19.42 8.17
C GLU B 127 1.58 -18.57 7.62
N PRO B 128 1.48 -17.23 7.76
CA PRO B 128 2.36 -16.16 7.28
C PRO B 128 3.83 -16.45 7.43
N PHE B 129 4.64 -15.90 6.55
CA PHE B 129 6.11 -15.92 6.67
C PHE B 129 6.73 -14.65 6.07
N THR B 130 7.98 -14.38 6.48
CA THR B 130 8.80 -13.36 5.84
C THR B 130 10.09 -14.05 5.49
N SER B 131 10.70 -13.67 4.38
CA SER B 131 11.97 -14.24 3.99
C SER B 131 12.75 -13.31 3.04
N LYS B 132 14.09 -13.36 3.07
CA LYS B 132 14.86 -12.82 1.95
C LYS B 132 14.72 -13.82 0.77
N GLN B 133 15.39 -13.58 -0.35
CA GLN B 133 15.32 -14.56 -1.44
C GLN B 133 16.33 -15.74 -1.33
N THR B 134 15.84 -16.92 -1.61
CA THR B 134 16.68 -18.08 -1.72
C THR B 134 17.25 -18.10 -3.14
N ASP B 135 16.63 -17.36 -4.08
CA ASP B 135 16.95 -17.51 -5.52
C ASP B 135 16.85 -16.24 -6.41
N GLU B 136 17.75 -16.15 -7.41
CA GLU B 136 17.55 -15.39 -8.65
C GLU B 136 17.19 -16.42 -9.68
N LYS B 137 16.85 -15.95 -10.88
CA LYS B 137 16.56 -16.80 -12.04
C LYS B 137 16.19 -15.86 -13.19
N HIS B 138 16.97 -15.92 -14.27
CA HIS B 138 16.92 -14.91 -15.32
C HIS B 138 16.36 -15.47 -16.61
N LEU B 139 15.18 -15.00 -17.00
CA LEU B 139 14.48 -15.55 -18.15
C LEU B 139 15.25 -15.33 -19.44
N ILE B 140 15.36 -16.38 -20.24
CA ILE B 140 16.01 -16.29 -21.55
C ILE B 140 17.47 -15.88 -21.41
N ILE B 141 17.76 -15.08 -20.39
CA ILE B 141 19.11 -14.55 -20.19
C ILE B 141 20.04 -15.60 -19.60
N ASP B 142 19.48 -16.50 -18.80
CA ASP B 142 20.23 -17.64 -18.28
C ASP B 142 20.13 -18.84 -19.23
N ASP B 143 19.88 -18.55 -20.51
CA ASP B 143 19.84 -19.59 -21.53
C ASP B 143 21.00 -19.46 -22.51
N PHE B 144 21.86 -18.47 -22.27
CA PHE B 144 23.01 -18.24 -23.11
C PHE B 144 24.20 -18.78 -22.36
N LEU B 145 24.88 -19.78 -22.91
CA LEU B 145 26.13 -20.28 -22.34
C LEU B 145 27.16 -19.12 -22.18
N ALA B 146 28.07 -19.19 -21.21
CA ALA B 146 29.06 -18.10 -21.06
C ALA B 146 30.42 -18.64 -21.34
N PHE B 147 31.20 -17.88 -22.08
CA PHE B 147 32.54 -18.33 -22.44
C PHE B 147 33.45 -17.11 -22.44
N THR B 148 34.77 -17.31 -22.34
CA THR B 148 35.72 -16.19 -22.55
C THR B 148 36.63 -16.59 -23.67
N PHE B 149 37.28 -15.61 -24.29
CA PHE B 149 38.21 -15.87 -25.39
C PHE B 149 39.31 -14.85 -25.23
N LYS B 150 40.55 -15.32 -25.16
CA LYS B 150 41.71 -14.44 -25.23
C LYS B 150 42.30 -14.41 -26.63
N ASP B 151 42.59 -13.20 -27.12
CA ASP B 151 43.09 -13.03 -28.48
C ASP B 151 44.57 -13.36 -28.57
N PRO B 152 44.92 -14.28 -29.47
CA PRO B 152 46.15 -15.07 -29.33
C PRO B 152 47.31 -14.43 -30.09
N GLU B 153 47.45 -13.12 -29.96
CA GLU B 153 46.83 -12.18 -30.90
C GLU B 153 46.87 -10.76 -30.37
N THR B 154 46.15 -10.51 -29.27
CA THR B 154 46.15 -9.20 -28.63
C THR B 154 46.00 -9.33 -27.12
N GLY B 155 46.21 -10.55 -26.61
CA GLY B 155 45.95 -10.84 -25.21
C GLY B 155 44.52 -10.58 -24.81
N VAL B 156 43.87 -9.65 -25.52
CA VAL B 156 42.71 -8.95 -24.98
C VAL B 156 41.52 -9.89 -24.86
N GLU B 157 41.11 -10.16 -23.62
CA GLU B 157 40.11 -11.18 -23.35
C GLU B 157 38.70 -10.66 -23.57
N ILE B 158 37.89 -11.43 -24.28
CA ILE B 158 36.52 -11.04 -24.58
C ILE B 158 35.53 -12.07 -24.03
N PRO B 159 34.70 -11.63 -23.05
CA PRO B 159 33.66 -12.52 -22.55
C PRO B 159 32.50 -12.56 -23.54
N TYR B 160 31.97 -13.75 -23.76
CA TYR B 160 30.79 -13.87 -24.59
C TYR B 160 29.71 -14.79 -24.06
N ARG B 161 28.51 -14.47 -24.48
CA ARG B 161 27.34 -15.29 -24.26
C ARG B 161 26.90 -15.84 -25.60
N LEU B 162 26.48 -17.11 -25.58
CA LEU B 162 26.17 -17.79 -26.80
C LEU B 162 24.87 -18.51 -26.63
N PHE B 163 23.91 -18.19 -27.48
CA PHE B 163 22.67 -18.92 -27.47
C PHE B 163 22.70 -19.98 -28.55
N VAL B 164 22.32 -21.19 -28.16
CA VAL B 164 22.23 -22.30 -29.09
C VAL B 164 20.79 -22.75 -29.27
N PRO B 165 20.33 -22.89 -30.54
CA PRO B 165 18.95 -23.33 -30.72
C PRO B 165 18.75 -24.62 -29.99
N LYS B 166 17.58 -24.76 -29.37
CA LYS B 166 17.13 -26.04 -28.88
C LYS B 166 15.92 -26.41 -29.69
N ASP B 167 15.41 -27.62 -29.47
CA ASP B 167 16.19 -28.84 -29.63
C ASP B 167 16.00 -29.40 -31.04
N VAL B 168 16.69 -28.80 -32.00
CA VAL B 168 16.29 -28.87 -33.37
C VAL B 168 17.32 -29.73 -34.10
N ASN B 169 16.95 -30.15 -35.30
CA ASN B 169 17.72 -31.11 -36.09
C ASN B 169 19.22 -30.72 -36.30
N PRO B 170 20.14 -31.46 -35.65
CA PRO B 170 21.57 -31.14 -35.59
C PRO B 170 22.26 -31.27 -36.95
N ASP B 171 21.65 -32.01 -37.86
CA ASP B 171 22.18 -32.18 -39.22
C ASP B 171 21.67 -31.10 -40.19
N ARG B 172 21.64 -29.87 -39.70
CA ARG B 172 21.28 -28.77 -40.53
C ARG B 172 22.03 -27.59 -39.96
N LYS B 173 22.25 -26.61 -40.83
CA LYS B 173 22.96 -25.39 -40.47
C LYS B 173 21.95 -24.26 -40.21
N TYR B 174 22.15 -23.50 -39.12
CA TYR B 174 21.23 -22.43 -38.69
C TYR B 174 21.93 -21.08 -38.67
N PRO B 175 21.16 -19.99 -38.81
CA PRO B 175 21.83 -18.69 -38.86
C PRO B 175 22.46 -18.31 -37.53
N LEU B 176 23.38 -17.35 -37.59
CA LEU B 176 23.97 -16.78 -36.38
C LEU B 176 23.72 -15.26 -36.33
N VAL B 177 23.18 -14.80 -35.21
CA VAL B 177 23.00 -13.38 -35.01
C VAL B 177 24.00 -12.93 -34.00
N VAL B 178 24.76 -11.92 -34.38
CA VAL B 178 25.81 -11.34 -33.56
C VAL B 178 25.32 -9.95 -33.09
N PHE B 179 25.33 -9.74 -31.78
CA PHE B 179 24.93 -8.47 -31.24
C PHE B 179 26.07 -7.69 -30.60
N LEU B 180 26.14 -6.40 -30.92
CA LEU B 180 27.08 -5.46 -30.28
C LEU B 180 26.37 -4.31 -29.50
N HIS B 181 26.45 -4.38 -28.15
CA HIS B 181 26.09 -3.26 -27.25
C HIS B 181 27.09 -2.20 -27.60
N GLY B 182 26.89 -0.91 -27.32
CA GLY B 182 26.19 -0.39 -26.15
C GLY B 182 27.32 0.01 -25.21
N ALA B 183 27.85 1.23 -25.31
CA ALA B 183 28.93 1.68 -24.38
C ALA B 183 28.52 1.41 -22.95
N GLY B 184 27.26 1.70 -22.64
CA GLY B 184 26.72 1.37 -21.32
C GLY B 184 27.08 0.00 -20.72
N GLU B 185 27.29 -0.99 -21.59
CA GLU B 185 27.36 -2.37 -21.16
C GLU B 185 28.77 -2.94 -21.21
N ARG B 186 29.72 -2.09 -21.58
CA ARG B 186 31.10 -2.47 -21.43
C ARG B 186 31.38 -2.98 -20.00
N GLY B 187 32.25 -3.97 -19.91
CA GLY B 187 32.58 -4.56 -18.62
C GLY B 187 33.22 -5.92 -18.73
N THR B 188 32.88 -6.76 -17.75
CA THR B 188 33.64 -7.94 -17.46
C THR B 188 32.75 -9.03 -16.91
N ASP B 189 31.56 -8.64 -16.47
CA ASP B 189 30.70 -9.57 -15.80
C ASP B 189 30.14 -10.61 -16.77
N ASN B 190 30.17 -10.28 -18.06
CA ASN B 190 29.64 -11.16 -19.08
C ASN B 190 28.12 -11.23 -18.91
N TYR B 191 27.55 -10.11 -18.46
CA TYR B 191 26.11 -10.06 -18.17
C TYR B 191 25.47 -8.79 -18.70
N LEU B 192 26.19 -7.69 -18.62
CA LEU B 192 25.63 -6.41 -18.99
C LEU B 192 25.16 -6.41 -20.43
N GLN B 193 25.97 -6.92 -21.34
CA GLN B 193 25.65 -6.93 -22.81
C GLN B 193 24.32 -7.61 -23.15
N VAL B 194 23.95 -8.55 -22.30
CA VAL B 194 22.80 -9.32 -22.53
C VAL B 194 21.59 -8.80 -21.72
N ALA B 195 21.82 -7.88 -20.78
CA ALA B 195 20.74 -7.37 -19.90
C ALA B 195 20.37 -5.90 -20.16
N GLY B 196 21.25 -5.21 -20.87
CA GLY B 196 21.12 -3.77 -21.11
C GLY B 196 19.81 -3.40 -21.78
N ASN B 197 19.36 -4.30 -22.64
CA ASN B 197 18.20 -4.06 -23.49
C ASN B 197 17.95 -5.35 -24.25
N ARG B 198 16.98 -5.33 -25.15
CA ARG B 198 16.61 -6.56 -25.85
C ARG B 198 17.53 -6.88 -27.04
N GLY B 199 18.77 -6.44 -26.97
CA GLY B 199 19.69 -6.58 -28.08
C GLY B 199 19.94 -8.00 -28.52
N ALA B 200 20.21 -8.87 -27.56
CA ALA B 200 20.60 -10.25 -27.87
C ALA B 200 19.43 -11.21 -27.66
N VAL B 201 18.51 -10.81 -26.79
CA VAL B 201 17.44 -11.68 -26.35
C VAL B 201 16.29 -11.80 -27.36
N VAL B 202 16.02 -10.73 -28.07
CA VAL B 202 14.88 -10.80 -28.99
C VAL B 202 14.99 -12.01 -29.90
N TRP B 203 16.18 -12.27 -30.41
CA TRP B 203 16.39 -13.39 -31.29
C TRP B 203 16.11 -14.74 -30.62
N ALA B 204 16.11 -14.75 -29.29
CA ALA B 204 16.04 -15.99 -28.55
C ALA B 204 14.63 -16.30 -28.08
N GLN B 205 13.70 -15.36 -28.19
CA GLN B 205 12.36 -15.63 -27.68
C GLN B 205 11.65 -16.70 -28.50
N PRO B 206 11.00 -17.66 -27.81
CA PRO B 206 10.23 -18.70 -28.53
C PRO B 206 9.48 -18.18 -29.79
N ARG B 207 8.85 -17.02 -29.67
CA ARG B 207 8.07 -16.48 -30.74
C ARG B 207 8.85 -16.35 -32.03
N TYR B 208 10.18 -16.23 -31.93
CA TYR B 208 11.00 -16.06 -33.14
C TYR B 208 11.75 -17.33 -33.40
N GLN B 209 11.93 -18.11 -32.36
CA GLN B 209 12.76 -19.31 -32.44
C GLN B 209 12.02 -20.49 -33.08
N VAL B 210 10.70 -20.55 -32.90
CA VAL B 210 9.87 -21.57 -33.55
C VAL B 210 9.87 -21.42 -35.07
N VAL B 211 10.17 -20.22 -35.57
CA VAL B 211 10.05 -19.89 -36.99
C VAL B 211 11.41 -19.56 -37.66
N HIS B 212 12.39 -19.09 -36.89
CA HIS B 212 13.72 -18.83 -37.41
C HIS B 212 14.68 -19.31 -36.35
N PRO B 213 14.76 -20.63 -36.14
CA PRO B 213 15.57 -21.11 -35.01
C PRO B 213 16.99 -20.65 -35.29
N CYS B 214 17.71 -20.14 -34.29
CA CYS B 214 19.07 -19.65 -34.58
C CYS B 214 19.95 -19.43 -33.36
N PHE B 215 21.27 -19.39 -33.59
CA PHE B 215 22.27 -19.03 -32.59
C PHE B 215 22.35 -17.53 -32.46
N VAL B 216 22.81 -17.08 -31.31
CA VAL B 216 23.08 -15.67 -31.12
C VAL B 216 24.29 -15.47 -30.16
N LEU B 217 25.09 -14.45 -30.50
CA LEU B 217 26.39 -14.22 -29.91
C LEU B 217 26.48 -12.80 -29.40
N ALA B 218 26.72 -12.68 -28.10
CA ALA B 218 26.83 -11.39 -27.46
C ALA B 218 28.14 -11.35 -26.72
N PRO B 219 29.17 -10.83 -27.37
CA PRO B 219 30.42 -10.57 -26.71
C PRO B 219 30.30 -9.29 -25.91
N GLN B 220 31.28 -9.06 -25.05
CA GLN B 220 31.36 -7.86 -24.21
C GLN B 220 32.68 -7.11 -24.40
N CYS B 221 32.58 -5.83 -24.77
CA CYS B 221 33.73 -4.99 -24.91
C CYS B 221 34.23 -4.67 -23.50
N PRO B 222 35.54 -4.80 -23.26
CA PRO B 222 36.03 -4.38 -21.94
C PRO B 222 35.87 -2.87 -21.83
N PRO B 223 35.90 -2.35 -20.59
CA PRO B 223 35.82 -0.91 -20.35
C PRO B 223 37.05 -0.21 -20.88
N ASN B 224 36.96 1.09 -21.09
CA ASN B 224 38.10 1.85 -21.65
C ASN B 224 38.40 1.55 -23.13
N SER B 225 37.55 0.74 -23.76
CA SER B 225 37.68 0.43 -25.17
C SER B 225 36.37 0.63 -25.95
N SER B 226 36.37 0.28 -27.23
CA SER B 226 35.18 0.35 -28.08
C SER B 226 35.26 -0.73 -29.14
N TRP B 227 34.19 -1.02 -29.87
CA TRP B 227 34.31 -2.04 -30.93
C TRP B 227 35.08 -1.46 -32.11
N SER B 228 34.69 -0.26 -32.54
CA SER B 228 35.49 0.53 -33.47
C SER B 228 36.49 1.34 -32.65
N THR B 229 37.27 2.18 -33.33
CA THR B 229 38.16 3.07 -32.60
C THR B 229 37.39 4.24 -32.02
N LEU B 230 36.06 4.11 -31.90
CA LEU B 230 35.23 5.23 -31.46
C LEU B 230 35.76 5.92 -30.19
N PHE B 231 35.99 5.12 -29.15
CA PHE B 231 36.47 5.65 -27.87
C PHE B 231 37.99 5.53 -27.73
N THR B 232 38.68 5.54 -28.85
CA THR B 232 40.12 5.77 -28.87
C THR B 232 40.47 7.01 -29.68
N ASP B 233 39.95 7.11 -30.90
CA ASP B 233 40.34 8.20 -31.82
C ASP B 233 41.50 7.95 -32.80
N ASN B 236 39.96 10.08 -35.58
CA ASN B 236 38.88 9.36 -36.24
C ASN B 236 38.49 7.99 -35.60
N PRO B 237 37.17 7.69 -35.58
CA PRO B 237 36.50 6.65 -34.78
C PRO B 237 35.97 5.35 -35.47
N PHE B 238 36.33 5.10 -36.72
CA PHE B 238 35.71 3.99 -37.49
C PHE B 238 36.55 2.72 -37.73
N ASN B 239 37.83 2.73 -37.39
CA ASN B 239 38.65 1.55 -37.61
C ASN B 239 38.43 0.49 -36.55
N PRO B 240 38.69 -0.78 -36.90
CA PRO B 240 38.52 -1.86 -35.93
C PRO B 240 39.31 -1.62 -34.65
N GLU B 241 38.70 -1.82 -33.51
CA GLU B 241 39.46 -1.93 -32.28
C GLU B 241 39.62 -3.40 -31.80
N LYS B 242 40.75 -3.62 -31.15
CA LYS B 242 41.06 -4.88 -30.48
C LYS B 242 39.80 -5.69 -30.26
N PRO B 243 38.89 -5.18 -29.44
CA PRO B 243 37.68 -5.96 -29.16
C PRO B 243 36.95 -6.50 -30.40
N LEU B 244 36.66 -5.64 -31.39
CA LEU B 244 35.87 -6.09 -32.56
C LEU B 244 36.68 -7.10 -33.33
N LEU B 245 37.95 -6.79 -33.59
CA LEU B 245 38.86 -7.77 -34.16
C LEU B 245 38.69 -9.18 -33.53
N ALA B 246 38.80 -9.22 -32.22
CA ALA B 246 38.72 -10.46 -31.49
C ALA B 246 37.40 -11.16 -31.77
N VAL B 247 36.34 -10.37 -31.91
CA VAL B 247 35.00 -10.96 -32.07
C VAL B 247 34.84 -11.74 -33.40
N ILE B 248 35.40 -11.17 -34.46
CA ILE B 248 35.44 -11.85 -35.73
C ILE B 248 35.97 -13.27 -35.51
N LYS B 249 37.04 -13.38 -34.74
CA LYS B 249 37.70 -14.66 -34.51
C LYS B 249 36.79 -15.60 -33.76
N ILE B 250 36.14 -15.11 -32.72
CA ILE B 250 35.04 -15.84 -32.08
C ILE B 250 34.01 -16.33 -33.11
N ILE B 251 33.63 -15.49 -34.08
CA ILE B 251 32.69 -15.96 -35.08
C ILE B 251 33.29 -17.21 -35.75
N ARG B 252 34.55 -17.08 -36.21
CA ARG B 252 35.24 -18.19 -36.89
C ARG B 252 35.27 -19.43 -35.99
N LYS B 253 35.51 -19.22 -34.71
CA LYS B 253 35.58 -20.30 -33.73
C LYS B 253 34.25 -21.04 -33.68
N LEU B 254 33.15 -20.28 -33.79
CA LEU B 254 31.84 -20.83 -33.61
C LEU B 254 31.49 -21.63 -34.83
N LEU B 255 31.84 -21.09 -36.01
CA LEU B 255 31.63 -21.81 -37.27
C LEU B 255 32.38 -23.15 -37.20
N ASP B 256 33.62 -23.12 -36.70
CA ASP B 256 34.45 -24.32 -36.53
C ASP B 256 33.77 -25.31 -35.64
N GLU B 257 33.08 -24.81 -34.61
CA GLU B 257 32.52 -25.64 -33.54
C GLU B 257 31.08 -26.08 -33.71
N TYR B 258 30.33 -25.40 -34.57
CA TYR B 258 28.88 -25.49 -34.59
C TYR B 258 28.28 -25.58 -35.98
N ASN B 259 27.14 -26.26 -36.07
CA ASN B 259 26.37 -26.31 -37.30
C ASN B 259 25.71 -24.98 -37.58
N ILE B 260 26.48 -24.01 -38.06
CA ILE B 260 25.95 -22.68 -38.34
C ILE B 260 26.05 -22.40 -39.82
N ASP B 261 24.98 -21.89 -40.40
CA ASP B 261 25.00 -21.53 -41.80
C ASP B 261 25.78 -20.25 -42.10
N GLU B 262 26.97 -20.42 -42.67
CA GLU B 262 27.86 -19.32 -43.03
C GLU B 262 27.23 -18.30 -43.96
N ASN B 263 26.09 -18.62 -44.57
CA ASN B 263 25.39 -17.69 -45.52
C ASN B 263 24.30 -16.78 -44.92
N ARG B 264 24.14 -16.91 -43.60
CA ARG B 264 23.23 -16.12 -42.83
C ARG B 264 23.90 -15.94 -41.49
N ILE B 265 24.95 -15.14 -41.49
CA ILE B 265 25.52 -14.64 -40.27
C ILE B 265 25.09 -13.20 -40.29
N TYR B 266 24.28 -12.80 -39.31
CA TYR B 266 23.79 -11.43 -39.28
C TYR B 266 24.48 -10.65 -38.19
N ILE B 267 24.67 -9.37 -38.43
CA ILE B 267 25.31 -8.50 -37.43
C ILE B 267 24.34 -7.36 -37.01
N THR B 268 24.26 -7.07 -35.72
CA THR B 268 23.44 -5.96 -35.27
C THR B 268 23.90 -5.36 -33.97
N GLY B 269 23.81 -4.04 -33.87
CA GLY B 269 24.34 -3.35 -32.72
C GLY B 269 23.78 -1.95 -32.67
N LEU B 270 24.20 -1.16 -31.69
CA LEU B 270 23.28 -0.33 -30.92
C LEU B 270 24.03 0.73 -30.13
N SER B 271 23.97 1.97 -30.60
CA SER B 271 24.97 2.98 -30.24
C SER B 271 26.36 2.56 -30.71
N MET B 272 27.28 2.45 -29.76
CA MET B 272 28.67 2.15 -30.08
C MET B 272 28.79 0.84 -30.83
N GLY B 273 27.98 -0.14 -30.45
CA GLY B 273 27.83 -1.35 -31.22
C GLY B 273 27.41 -1.08 -32.66
N GLY B 274 26.95 0.14 -32.91
CA GLY B 274 26.38 0.49 -34.20
C GLY B 274 27.42 0.97 -35.18
N TYR B 275 28.26 1.91 -34.74
CA TYR B 275 29.63 1.99 -35.23
C TYR B 275 30.25 0.61 -35.39
N GLY B 276 30.29 -0.14 -34.29
CA GLY B 276 30.73 -1.52 -34.34
C GLY B 276 30.27 -2.25 -35.59
N THR B 277 28.96 -2.22 -35.86
CA THR B 277 28.35 -2.91 -37.01
C THR B 277 28.85 -2.42 -38.38
N TRP B 278 28.77 -1.11 -38.61
CA TRP B 278 29.30 -0.54 -39.85
C TRP B 278 30.78 -0.92 -40.04
N THR B 279 31.56 -0.94 -38.95
CA THR B 279 32.96 -1.27 -39.08
C THR B 279 33.12 -2.75 -39.40
N ALA B 280 32.45 -3.61 -38.64
CA ALA B 280 32.44 -5.04 -38.94
C ALA B 280 32.24 -5.30 -40.41
N ILE B 281 31.33 -4.58 -41.07
CA ILE B 281 30.96 -5.01 -42.42
C ILE B 281 31.86 -4.44 -43.47
N MET B 282 32.31 -3.21 -43.23
CA MET B 282 33.15 -2.54 -44.20
C MET B 282 34.55 -3.14 -44.20
N GLU B 283 34.89 -3.83 -43.12
CA GLU B 283 36.21 -4.43 -42.99
C GLU B 283 36.22 -5.94 -43.28
N PHE B 284 35.04 -6.56 -43.34
CA PHE B 284 34.92 -7.98 -43.63
C PHE B 284 33.65 -8.27 -44.41
N PRO B 285 33.52 -7.65 -45.61
CA PRO B 285 32.28 -7.57 -46.39
C PRO B 285 31.81 -8.90 -46.87
N GLU B 286 32.72 -9.86 -46.86
CA GLU B 286 32.39 -11.21 -47.25
C GLU B 286 31.67 -11.96 -46.12
N LEU B 287 31.89 -11.55 -44.87
CA LEU B 287 31.53 -12.39 -43.73
C LEU B 287 30.05 -12.46 -43.43
N PHE B 288 29.35 -11.35 -43.65
CA PHE B 288 28.00 -11.16 -43.13
C PHE B 288 26.96 -11.16 -44.23
N ALA B 289 25.78 -11.71 -43.93
CA ALA B 289 24.65 -11.70 -44.88
C ALA B 289 23.71 -10.48 -44.79
N ALA B 290 23.69 -9.79 -43.64
CA ALA B 290 22.81 -8.63 -43.46
C ALA B 290 23.15 -7.99 -42.14
N ALA B 291 22.70 -6.75 -41.94
CA ALA B 291 23.13 -5.94 -40.80
C ALA B 291 22.09 -4.90 -40.46
N ILE B 292 21.91 -4.68 -39.15
CA ILE B 292 21.01 -3.67 -38.64
C ILE B 292 21.81 -2.78 -37.65
N PRO B 293 22.51 -1.75 -38.18
CA PRO B 293 23.18 -0.79 -37.30
C PRO B 293 22.17 0.22 -36.72
N ILE B 294 22.13 0.32 -35.39
CA ILE B 294 21.21 1.23 -34.68
C ILE B 294 21.97 2.36 -34.02
N CYS B 295 21.62 3.58 -34.45
CA CYS B 295 22.22 4.87 -34.05
C CYS B 295 23.75 4.90 -33.83
N GLY B 296 24.48 4.49 -34.87
CA GLY B 296 25.92 4.61 -34.89
C GLY B 296 26.36 5.32 -36.15
N GLY B 297 27.62 5.13 -36.53
CA GLY B 297 28.13 5.79 -37.72
C GLY B 297 29.22 4.98 -38.36
N GLY B 298 29.90 5.57 -39.34
CA GLY B 298 30.99 4.86 -40.00
C GLY B 298 31.52 5.43 -41.29
N ASP B 299 32.57 4.81 -41.78
CA ASP B 299 33.38 5.35 -42.86
C ASP B 299 32.63 5.43 -44.20
N VAL B 300 32.14 6.61 -44.58
CA VAL B 300 31.42 6.72 -45.85
C VAL B 300 32.33 6.66 -47.09
N SER B 301 33.63 6.80 -46.89
CA SER B 301 34.56 6.66 -48.00
C SER B 301 34.77 5.21 -48.38
N LYS B 302 34.13 4.30 -47.63
CA LYS B 302 34.28 2.86 -47.81
C LYS B 302 32.93 2.20 -48.04
N VAL B 303 31.97 2.96 -48.52
CA VAL B 303 30.64 2.43 -48.69
C VAL B 303 30.56 1.43 -49.84
N GLU B 304 31.38 1.66 -50.85
CA GLU B 304 31.43 0.81 -52.05
C GLU B 304 31.55 -0.66 -51.62
N ARG B 305 32.52 -0.91 -50.73
CA ARG B 305 32.77 -2.22 -50.15
C ARG B 305 31.52 -3.02 -49.79
N ILE B 306 30.50 -2.34 -49.24
CA ILE B 306 29.33 -3.02 -48.66
C ILE B 306 28.06 -2.89 -49.49
N LYS B 307 28.18 -2.35 -50.70
CA LYS B 307 27.01 -2.06 -51.57
C LYS B 307 26.06 -3.21 -51.83
N ASP B 308 26.44 -4.41 -51.43
CA ASP B 308 25.66 -5.57 -51.79
C ASP B 308 25.04 -6.31 -50.63
N ILE B 309 25.39 -5.88 -49.41
CA ILE B 309 24.80 -6.45 -48.22
C ILE B 309 23.51 -5.77 -47.89
N PRO B 310 22.44 -6.55 -47.75
CA PRO B 310 21.18 -6.00 -47.24
C PRO B 310 21.44 -5.33 -45.86
N ILE B 311 20.96 -4.12 -45.69
CA ILE B 311 21.22 -3.38 -44.48
C ILE B 311 19.94 -2.62 -44.20
N TRP B 312 19.50 -2.64 -42.95
CA TRP B 312 18.38 -1.79 -42.50
C TRP B 312 18.85 -0.89 -41.33
N VAL B 313 18.92 0.40 -41.62
CA VAL B 313 19.46 1.39 -40.71
C VAL B 313 18.38 2.06 -39.84
N PHE B 314 18.67 2.26 -38.55
CA PHE B 314 17.70 2.81 -37.60
C PHE B 314 18.33 3.93 -36.75
N HIS B 315 17.60 5.00 -36.46
CA HIS B 315 18.17 6.17 -35.79
C HIS B 315 17.05 7.16 -35.51
N ALA B 316 17.02 7.73 -34.30
CA ALA B 316 15.98 8.68 -33.94
C ALA B 316 16.51 10.06 -34.28
N GLU B 317 15.67 10.93 -34.87
CA GLU B 317 16.16 12.18 -35.46
C GLU B 317 16.66 13.20 -34.43
N ASP B 318 16.00 13.19 -33.28
CA ASP B 318 16.38 14.04 -32.16
C ASP B 318 17.30 13.26 -31.20
N ASP B 319 18.26 12.51 -31.73
CA ASP B 319 19.23 11.86 -30.86
C ASP B 319 20.26 12.87 -30.34
N PRO B 320 20.42 12.95 -29.02
CA PRO B 320 21.37 13.89 -28.47
C PRO B 320 22.72 13.30 -28.13
N VAL B 321 22.94 12.01 -28.39
CA VAL B 321 24.26 11.36 -28.19
C VAL B 321 25.05 11.11 -29.51
N VAL B 322 24.40 10.50 -30.49
CA VAL B 322 25.00 10.17 -31.76
C VAL B 322 24.12 10.88 -32.78
N PRO B 323 24.56 12.03 -33.30
CA PRO B 323 23.93 12.85 -34.31
C PRO B 323 23.27 12.04 -35.41
N VAL B 324 21.95 12.20 -35.55
CA VAL B 324 21.19 11.53 -36.61
C VAL B 324 21.89 11.61 -37.96
N GLU B 325 22.69 12.65 -38.10
CA GLU B 325 23.39 12.92 -39.34
C GLU B 325 24.26 11.75 -39.80
N ASN B 326 24.87 11.03 -38.85
CA ASN B 326 25.74 9.91 -39.15
C ASN B 326 25.09 8.79 -39.94
N SER B 327 23.79 8.60 -39.76
CA SER B 327 23.09 7.59 -40.55
C SER B 327 22.68 8.16 -41.89
N ARG B 328 22.19 9.38 -41.88
CA ARG B 328 21.81 10.04 -43.11
C ARG B 328 22.89 9.94 -44.16
N VAL B 329 24.09 10.38 -43.77
CA VAL B 329 25.21 10.43 -44.69
C VAL B 329 25.48 9.06 -45.34
N LEU B 330 25.42 8.01 -44.53
CA LEU B 330 25.75 6.68 -44.99
C LEU B 330 24.65 6.15 -45.86
N VAL B 331 23.42 6.35 -45.44
CA VAL B 331 22.24 5.85 -46.15
C VAL B 331 22.16 6.54 -47.50
N LYS B 332 22.43 7.85 -47.50
CA LYS B 332 22.36 8.66 -48.72
C LYS B 332 23.39 8.16 -49.70
N LYS B 333 24.64 8.13 -49.29
CA LYS B 333 25.71 7.67 -50.16
C LYS B 333 25.43 6.25 -50.67
N LEU B 334 24.90 5.40 -49.80
CA LEU B 334 24.69 4.00 -50.12
C LEU B 334 23.65 3.81 -51.21
N ALA B 335 22.50 4.48 -51.06
CA ALA B 335 21.41 4.34 -52.00
C ALA B 335 21.79 4.92 -53.35
N GLU B 336 22.54 6.02 -53.35
CA GLU B 336 22.94 6.67 -54.60
C GLU B 336 23.95 5.83 -55.35
N ILE B 337 24.59 4.92 -54.65
CA ILE B 337 25.62 4.09 -55.24
C ILE B 337 25.14 2.67 -55.57
N GLY B 338 23.83 2.37 -55.60
CA GLY B 338 23.41 1.00 -55.88
C GLY B 338 22.64 0.28 -54.78
N GLY B 339 23.06 0.45 -53.52
CA GLY B 339 22.10 0.30 -52.43
C GLY B 339 21.89 -1.02 -51.69
N LYS B 340 20.66 -1.53 -51.72
CA LYS B 340 20.20 -2.61 -50.80
C LYS B 340 20.19 -2.13 -49.36
N VAL B 341 19.64 -0.94 -49.17
CA VAL B 341 19.63 -0.23 -47.89
C VAL B 341 18.23 0.21 -47.48
N ARG B 342 17.93 0.03 -46.19
CA ARG B 342 16.71 0.59 -45.59
C ARG B 342 16.96 1.54 -44.44
N TYR B 343 16.00 2.40 -44.20
CA TYR B 343 16.18 3.44 -43.21
C TYR B 343 14.88 3.77 -42.51
N THR B 344 14.90 3.72 -41.18
CA THR B 344 13.72 4.04 -40.38
C THR B 344 14.03 5.12 -39.36
N GLU B 345 13.96 6.38 -39.79
CA GLU B 345 14.38 7.49 -38.95
C GLU B 345 13.22 8.03 -38.12
N TYR B 346 13.19 7.65 -36.86
CA TYR B 346 12.12 8.03 -35.94
C TYR B 346 12.00 9.56 -35.77
N GLU B 347 10.78 10.09 -35.96
CA GLU B 347 10.48 11.54 -35.85
C GLU B 347 10.69 12.15 -34.45
N LYS B 348 11.15 13.40 -34.40
CA LYS B 348 11.37 14.13 -33.14
C LYS B 348 10.09 14.16 -32.30
N GLY B 349 10.20 13.78 -31.03
CA GLY B 349 9.04 13.61 -30.19
C GLY B 349 8.61 12.16 -30.01
N PHE B 350 8.59 11.38 -31.11
CA PHE B 350 8.22 9.93 -31.06
C PHE B 350 8.74 9.18 -29.83
N MET B 351 10.04 9.31 -29.59
CA MET B 351 10.72 8.65 -28.47
C MET B 351 10.22 9.18 -27.10
N GLU B 352 10.26 10.50 -26.92
CA GLU B 352 9.69 11.10 -25.72
C GLU B 352 8.18 10.78 -25.60
N LYS B 353 7.45 10.73 -26.70
CA LYS B 353 6.03 10.29 -26.70
C LYS B 353 5.81 8.89 -26.08
N HIS B 354 6.81 8.01 -26.16
CA HIS B 354 6.65 6.58 -25.77
C HIS B 354 7.42 6.28 -24.46
N GLY B 355 8.03 7.32 -23.91
CA GLY B 355 8.70 7.25 -22.61
C GLY B 355 10.15 6.81 -22.67
N TRP B 356 10.75 6.90 -23.86
CA TRP B 356 12.12 6.44 -24.07
C TRP B 356 13.07 7.62 -24.35
N ASP B 357 14.28 7.54 -23.78
CA ASP B 357 15.30 8.52 -24.11
C ASP B 357 15.51 8.48 -25.63
N PRO B 358 15.41 9.62 -26.34
CA PRO B 358 15.52 9.66 -27.82
C PRO B 358 16.77 9.02 -28.38
N HIS B 359 17.84 8.95 -27.59
CA HIS B 359 18.98 8.13 -27.96
C HIS B 359 18.66 6.63 -28.01
N GLY B 360 17.74 6.15 -27.16
CA GLY B 360 17.43 4.72 -27.11
C GLY B 360 16.70 4.07 -28.29
N SER B 361 17.05 4.47 -29.52
CA SER B 361 16.27 4.01 -30.68
C SER B 361 16.22 2.51 -30.86
N TRP B 362 17.15 1.79 -30.25
CA TRP B 362 17.10 0.35 -30.33
C TRP B 362 15.82 -0.20 -29.71
N ILE B 363 15.29 0.51 -28.73
CA ILE B 363 14.03 0.10 -28.09
C ILE B 363 12.89 -0.27 -29.07
N PRO B 364 12.37 0.68 -29.88
CA PRO B 364 11.32 0.26 -30.82
C PRO B 364 11.84 -0.61 -31.95
N THR B 365 13.10 -0.43 -32.33
CA THR B 365 13.70 -1.23 -33.38
C THR B 365 13.60 -2.74 -33.06
N TYR B 366 14.29 -3.18 -32.01
CA TYR B 366 14.20 -4.60 -31.63
C TYR B 366 12.77 -5.09 -31.37
N GLU B 367 11.84 -4.15 -31.31
CA GLU B 367 10.44 -4.51 -31.07
C GLU B 367 9.68 -4.47 -32.38
N ASN B 368 10.38 -4.23 -33.48
CA ASN B 368 9.72 -4.15 -34.77
C ASN B 368 9.76 -5.47 -35.55
N GLN B 369 8.73 -6.31 -35.34
CA GLN B 369 8.58 -7.62 -36.01
C GLN B 369 8.85 -7.63 -37.53
N GLU B 370 8.68 -6.48 -38.19
CA GLU B 370 8.95 -6.42 -39.61
C GLU B 370 10.45 -6.47 -39.79
N ALA B 371 11.20 -5.75 -38.96
CA ALA B 371 12.66 -5.78 -39.06
C ALA B 371 13.23 -7.18 -38.80
N ILE B 372 12.78 -7.87 -37.74
CA ILE B 372 13.19 -9.27 -37.49
C ILE B 372 13.00 -10.19 -38.70
N GLU B 373 11.76 -10.24 -39.23
CA GLU B 373 11.44 -11.11 -40.36
C GLU B 373 12.25 -10.76 -41.57
N TRP B 374 12.56 -9.46 -41.69
CA TRP B 374 13.36 -8.96 -42.79
C TRP B 374 14.76 -9.50 -42.76
N LEU B 375 15.43 -9.32 -41.60
CA LEU B 375 16.80 -9.81 -41.41
C LEU B 375 16.93 -11.25 -41.88
N PHE B 376 15.97 -12.08 -41.46
CA PHE B 376 16.01 -13.52 -41.71
C PHE B 376 15.73 -13.88 -43.15
N GLU B 377 15.03 -13.03 -43.88
CA GLU B 377 14.91 -13.26 -45.29
C GLU B 377 16.24 -13.00 -46.02
N GLN B 378 17.36 -12.79 -45.33
CA GLN B 378 18.60 -12.49 -46.08
C GLN B 378 19.49 -13.71 -46.17
N SER B 379 20.42 -13.67 -47.14
CA SER B 379 21.36 -14.75 -47.40
C SER B 379 22.49 -14.41 -48.38
N ARG B 380 23.13 -15.43 -48.96
CA ARG B 380 24.23 -15.28 -49.96
C ARG B 380 24.23 -16.36 -51.05
C1 DEP C . -35.09 7.21 17.99
C2 DEP C . -36.37 7.05 17.19
C3 DEP C . -30.35 5.67 16.88
C4 DEP C . -28.88 5.75 17.33
O1 DEP C . -33.87 6.93 17.26
O2 DEP C . -31.18 6.87 16.95
O3 DEP C . -32.36 6.31 19.32
P DEP C . -32.44 7.15 17.97
C1 DEP D . 28.29 6.19 -28.07
C2 DEP D . 28.09 7.56 -28.67
C3 DEP D . 25.00 4.29 -24.98
C4 DEP D . 24.37 5.11 -23.86
O1 DEP D . 27.30 5.98 -27.07
O2 DEP D . 25.07 5.02 -26.22
O3 DEP D . 26.95 3.37 -27.27
P DEP D . 26.24 4.80 -27.32
#